data_5KIR
#
_entry.id   5KIR
#
_cell.length_a   126.989
_cell.length_b   149.422
_cell.length_c   185.055
_cell.angle_alpha   90.00
_cell.angle_beta   90.00
_cell.angle_gamma   90.00
#
_symmetry.space_group_name_H-M   'I 2 2 2'
#
loop_
_entity.id
_entity.type
_entity.pdbx_description
1 polymer 'Prostaglandin G/H synthase 2'
2 branched alpha-D-mannopyranose-(1-4)-2-acetamido-2-deoxy-beta-D-glucopyranose-(1-4)-2-acetamido-2-deoxy-beta-D-glucopyranose
3 non-polymer Rofecoxib
4 non-polymer 'PROTOPORPHYRIN IX CONTAINING CO'
5 non-polymer 2-acetamido-2-deoxy-beta-D-glucopyranose
6 non-polymer 'AMMONIUM ION'
7 non-polymer GLYCEROL
8 non-polymer 'PHOSPHATE ION'
9 water water
#
_entity_poly.entity_id   1
_entity_poly.type   'polypeptide(L)'
_entity_poly.pdbx_seq_one_letter_code
;NPCCSHPCQNRGVCMSVGFDQYKCDCTRTGFYGENCSTPEFLTRIKLFLKPTPNTVHYILTHFKGFWNVVNNIPFLRNAI
MSYVLTSRSHLIDSPPTYNADYGYKSWEAFSNLSYYTRALPPVPDDCPTPLGVKGKKQLPDSNEIVEKLLLRRKFIPDPQ
GSNMMFAFFAQHFTHQFFKTDHKRGPAFTNGLGHGVDLNHIYGETLARQRKLRLFKDGKMKYQIIDGEMYPPTVKDTQAE
MIYPPQVPEHLRFAVGQEVFGLVPGLMMYATIWLREHNRVCDVLKQEHPEWGDEQLFQTSRLILIGETIKIVIEDYVNHL
SGYHFKLKFDPELLFNKQFQYQNRIAAEFNTLYHWHPLLPDTFQIHDQKYNYQQFIYNNSILLEHGITQFVESFTRQIAG
RVAGGRNVPPAVQKVSQASIDQSRQMKYQSFNEYRKRFMLKPYESFEELTGEKEMSAELEALYGDIDAVELYPALLVEKP
RPDAIFGETMVEVGAPFSLKGLMGNVICSPAYWKPSTFGGEVGFQIINTASIQSLICNNVKGCPFTSFSVP
;
_entity_poly.pdbx_strand_id   A,B
#
loop_
_chem_comp.id
_chem_comp.type
_chem_comp.name
_chem_comp.formula
COH non-polymer 'PROTOPORPHYRIN IX CONTAINING CO' 'C34 H32 Co N4 O4'
GOL non-polymer GLYCEROL 'C3 H8 O3'
MAN D-saccharide, alpha linking alpha-D-mannopyranose 'C6 H12 O6'
NAG D-saccharide, beta linking 2-acetamido-2-deoxy-beta-D-glucopyranose 'C8 H15 N O6'
NH4 non-polymer 'AMMONIUM ION' 'H4 N 1'
PO4 non-polymer 'PHOSPHATE ION' 'O4 P -3'
RCX non-polymer Rofecoxib 'C17 H14 O4 S'
#
# COMPACT_ATOMS: atom_id res chain seq x y z
N ASN A 1 -3.47 -21.71 -26.45
CA ASN A 1 -3.78 -20.43 -25.83
C ASN A 1 -3.62 -19.29 -26.85
N PRO A 2 -4.73 -18.70 -27.31
CA PRO A 2 -4.65 -17.74 -28.42
C PRO A 2 -3.90 -16.47 -28.06
N CYS A 3 -3.79 -16.19 -26.77
CA CYS A 3 -3.11 -14.99 -26.30
C CYS A 3 -1.60 -15.11 -26.39
N CYS A 4 -1.12 -16.29 -26.77
CA CYS A 4 0.32 -16.53 -26.89
C CYS A 4 0.99 -15.57 -27.86
N SER A 5 0.27 -15.12 -28.88
CA SER A 5 0.83 -14.23 -29.89
C SER A 5 0.80 -12.77 -29.44
N HIS A 6 0.32 -12.53 -28.22
CA HIS A 6 0.17 -11.18 -27.69
C HIS A 6 -0.58 -10.30 -28.68
N PRO A 7 -1.82 -10.67 -29.02
CA PRO A 7 -2.56 -9.96 -30.07
C PRO A 7 -2.93 -8.54 -29.69
N CYS A 8 -3.25 -8.32 -28.42
CA CYS A 8 -3.76 -7.04 -27.94
C CYS A 8 -2.68 -5.98 -27.91
N GLN A 9 -2.89 -4.90 -28.66
CA GLN A 9 -1.94 -3.78 -28.71
C GLN A 9 -2.34 -2.68 -27.74
N ASN A 10 -1.40 -1.77 -27.50
CA ASN A 10 -1.67 -0.56 -26.71
C ASN A 10 -2.32 -0.85 -25.37
N ARG A 11 -1.74 -1.78 -24.62
CA ARG A 11 -2.15 -2.07 -23.25
C ARG A 11 -3.49 -2.79 -23.19
N GLY A 12 -3.99 -3.22 -24.34
CA GLY A 12 -5.20 -4.02 -24.37
C GLY A 12 -5.00 -5.30 -23.58
N VAL A 13 -6.00 -5.69 -22.81
CA VAL A 13 -5.91 -6.87 -21.95
C VAL A 13 -6.46 -8.10 -22.67
N CYS A 14 -5.58 -9.07 -22.93
CA CYS A 14 -5.96 -10.28 -23.63
C CYS A 14 -6.60 -11.28 -22.68
N MET A 15 -7.61 -11.98 -23.18
CA MET A 15 -8.38 -12.95 -22.40
C MET A 15 -8.94 -13.99 -23.35
N SER A 16 -8.81 -15.27 -22.98
CA SER A 16 -9.26 -16.35 -23.84
C SER A 16 -10.77 -16.54 -23.72
N VAL A 17 -11.42 -16.76 -24.86
CA VAL A 17 -12.85 -17.02 -24.91
C VAL A 17 -13.08 -18.34 -25.63
N GLY A 18 -13.25 -19.41 -24.87
CA GLY A 18 -13.28 -20.73 -25.45
C GLY A 18 -11.86 -21.17 -25.72
N PHE A 19 -11.70 -22.15 -26.62
CA PHE A 19 -10.38 -22.73 -26.87
C PHE A 19 -9.66 -22.12 -28.07
N ASP A 20 -10.41 -21.54 -29.01
CA ASP A 20 -9.81 -21.05 -30.26
C ASP A 20 -9.98 -19.55 -30.50
N GLN A 21 -10.45 -18.82 -29.49
CA GLN A 21 -10.66 -17.38 -29.63
C GLN A 21 -10.19 -16.59 -28.42
N TYR A 22 -9.90 -15.31 -28.64
CA TYR A 22 -9.50 -14.39 -27.59
C TYR A 22 -10.36 -13.14 -27.63
N LYS A 23 -10.19 -12.27 -26.65
CA LYS A 23 -10.93 -11.01 -26.58
C LYS A 23 -10.05 -9.92 -25.97
N CYS A 24 -9.77 -8.89 -26.76
CA CYS A 24 -8.98 -7.77 -26.26
C CYS A 24 -9.87 -6.74 -25.57
N ASP A 25 -9.49 -6.41 -24.34
CA ASP A 25 -10.19 -5.42 -23.55
C ASP A 25 -9.50 -4.06 -23.76
N CYS A 26 -10.15 -3.19 -24.53
CA CYS A 26 -9.55 -1.92 -24.93
C CYS A 26 -9.91 -0.77 -23.98
N THR A 27 -10.53 -1.09 -22.85
CA THR A 27 -10.96 -0.09 -21.88
C THR A 27 -9.86 0.92 -21.54
N ARG A 28 -10.15 2.19 -21.79
CA ARG A 28 -9.24 3.30 -21.47
C ARG A 28 -7.85 3.16 -22.07
N THR A 29 -7.75 2.52 -23.23
CA THR A 29 -6.46 2.38 -23.91
C THR A 29 -6.23 3.51 -24.92
N GLY A 30 -7.31 4.16 -25.34
CA GLY A 30 -7.24 5.20 -26.35
C GLY A 30 -7.51 4.65 -27.73
N PHE A 31 -7.72 3.34 -27.81
CA PHE A 31 -7.95 2.65 -29.08
C PHE A 31 -9.20 1.77 -29.01
N TYR A 32 -9.62 1.25 -30.16
CA TYR A 32 -10.71 0.30 -30.23
C TYR A 32 -10.44 -0.73 -31.33
N GLY A 33 -11.29 -1.74 -31.44
CA GLY A 33 -11.13 -2.79 -32.43
C GLY A 33 -10.74 -4.13 -31.82
N GLU A 34 -10.66 -5.15 -32.67
CA GLU A 34 -10.37 -6.52 -32.23
C GLU A 34 -9.08 -6.61 -31.42
N ASN A 35 -8.10 -5.79 -31.78
CA ASN A 35 -6.77 -5.86 -31.18
C ASN A 35 -6.32 -4.53 -30.59
N CYS A 36 -7.27 -3.61 -30.43
CA CYS A 36 -7.00 -2.30 -29.81
C CYS A 36 -5.95 -1.50 -30.58
N SER A 37 -5.99 -1.57 -31.91
CA SER A 37 -4.98 -0.91 -32.75
C SER A 37 -5.55 0.26 -33.55
N THR A 38 -6.87 0.38 -33.60
CA THR A 38 -7.50 1.54 -34.24
C THR A 38 -7.57 2.69 -33.23
N PRO A 39 -6.92 3.82 -33.53
CA PRO A 39 -6.90 4.92 -32.56
C PRO A 39 -8.16 5.77 -32.58
N GLU A 40 -8.58 6.24 -31.40
CA GLU A 40 -9.63 7.23 -31.29
C GLU A 40 -9.04 8.56 -31.79
N PHE A 41 -9.90 9.58 -31.90
CA PHE A 41 -9.46 10.80 -32.56
C PHE A 41 -8.43 11.58 -31.74
N LEU A 42 -8.63 11.70 -30.43
CA LEU A 42 -7.68 12.42 -29.59
C LEU A 42 -6.35 11.69 -29.55
N THR A 43 -6.38 10.38 -29.70
CA THR A 43 -5.16 9.60 -29.74
C THR A 43 -4.36 9.93 -31.00
N ARG A 44 -5.08 10.05 -32.12
CA ARG A 44 -4.47 10.41 -33.40
C ARG A 44 -3.74 11.75 -33.31
N ILE A 45 -4.40 12.74 -32.71
CA ILE A 45 -3.80 14.06 -32.54
C ILE A 45 -2.55 13.97 -31.68
N LYS A 46 -2.69 13.38 -30.50
CA LYS A 46 -1.56 13.22 -29.58
C LYS A 46 -0.35 12.58 -30.25
N LEU A 47 -0.58 11.44 -30.90
CA LEU A 47 0.50 10.71 -31.56
C LEU A 47 1.15 11.57 -32.64
N PHE A 48 0.33 12.37 -33.32
CA PHE A 48 0.83 13.25 -34.35
C PHE A 48 1.70 14.36 -33.76
N LEU A 49 1.33 14.84 -32.58
CA LEU A 49 2.04 15.94 -31.92
C LEU A 49 3.16 15.46 -31.01
N LYS A 50 3.22 14.15 -30.78
CA LYS A 50 4.19 13.59 -29.83
C LYS A 50 5.57 13.45 -30.48
N PRO A 51 6.55 14.24 -30.02
CA PRO A 51 7.92 14.04 -30.53
C PRO A 51 8.54 12.77 -30.00
N THR A 52 9.44 12.17 -30.76
CA THR A 52 10.10 10.94 -30.35
C THR A 52 10.90 11.17 -29.08
N PRO A 53 11.06 10.13 -28.26
CA PRO A 53 11.89 10.27 -27.05
C PRO A 53 13.30 10.77 -27.36
N ASN A 54 13.84 10.38 -28.51
CA ASN A 54 15.20 10.77 -28.88
C ASN A 54 15.27 12.23 -29.35
N THR A 55 14.16 12.74 -29.86
CA THR A 55 14.05 14.16 -30.16
C THR A 55 14.05 14.93 -28.84
N VAL A 56 13.22 14.48 -27.90
CA VAL A 56 13.14 15.09 -26.58
C VAL A 56 14.51 15.08 -25.90
N HIS A 57 15.23 13.97 -26.03
CA HIS A 57 16.53 13.83 -25.40
C HIS A 57 17.54 14.79 -26.01
N TYR A 58 17.39 15.06 -27.31
CA TYR A 58 18.26 16.01 -27.98
C TYR A 58 18.06 17.39 -27.39
N ILE A 59 16.81 17.81 -27.32
CA ILE A 59 16.44 19.14 -26.83
C ILE A 59 16.88 19.34 -25.37
N LEU A 60 16.80 18.28 -24.59
CA LEU A 60 17.18 18.35 -23.18
C LEU A 60 18.69 18.44 -22.99
N THR A 61 19.44 17.91 -23.96
CA THR A 61 20.91 17.86 -23.86
C THR A 61 21.60 18.91 -24.74
N HIS A 62 20.83 19.81 -25.33
CA HIS A 62 21.38 20.90 -26.12
C HIS A 62 20.75 22.21 -25.69
N PHE A 63 21.19 23.30 -26.32
CA PHE A 63 20.66 24.62 -26.03
C PHE A 63 20.86 24.95 -24.55
N LYS A 64 22.11 24.88 -24.09
CA LYS A 64 22.42 25.06 -22.68
C LYS A 64 21.98 26.43 -22.19
N GLY A 65 22.28 27.47 -22.96
CA GLY A 65 21.94 28.84 -22.59
C GLY A 65 20.45 29.03 -22.41
N PHE A 66 19.66 28.21 -23.10
CA PHE A 66 18.21 28.28 -22.98
C PHE A 66 17.75 27.74 -21.62
N TRP A 67 18.34 26.62 -21.22
CA TRP A 67 17.96 25.97 -19.97
C TRP A 67 18.46 26.75 -18.76
N ASN A 68 19.54 27.51 -18.94
CA ASN A 68 20.00 28.45 -17.92
C ASN A 68 18.86 29.35 -17.47
N VAL A 69 18.18 29.93 -18.44
CA VAL A 69 17.03 30.79 -18.18
C VAL A 69 15.95 29.98 -17.47
N VAL A 70 15.48 28.91 -18.13
CA VAL A 70 14.48 28.02 -17.58
C VAL A 70 14.81 27.59 -16.15
N ASN A 71 16.06 27.23 -15.92
CA ASN A 71 16.49 26.74 -14.61
C ASN A 71 16.31 27.79 -13.51
N ASN A 72 16.40 29.06 -13.87
CA ASN A 72 16.29 30.15 -12.90
C ASN A 72 14.96 30.89 -13.00
N ILE A 73 13.99 30.24 -13.64
CA ILE A 73 12.60 30.72 -13.66
C ILE A 73 11.77 29.68 -12.91
N PRO A 74 11.62 29.85 -11.58
CA PRO A 74 11.03 28.82 -10.72
C PRO A 74 9.71 28.26 -11.25
N PHE A 75 8.83 29.14 -11.70
CA PHE A 75 7.54 28.72 -12.22
C PHE A 75 7.69 27.75 -13.40
N LEU A 76 8.66 28.02 -14.26
CA LEU A 76 8.92 27.18 -15.42
C LEU A 76 9.55 25.85 -15.03
N ARG A 77 10.66 25.93 -14.30
CA ARG A 77 11.37 24.75 -13.85
C ARG A 77 10.43 23.80 -13.10
N ASN A 78 9.57 24.38 -12.26
CA ASN A 78 8.60 23.59 -11.50
C ASN A 78 7.59 22.91 -12.42
N ALA A 79 7.02 23.68 -13.34
CA ALA A 79 6.02 23.16 -14.26
C ALA A 79 6.59 22.00 -15.08
N ILE A 80 7.81 22.18 -15.58
CA ILE A 80 8.47 21.15 -16.38
C ILE A 80 8.74 19.90 -15.54
N MET A 81 9.35 20.11 -14.37
CA MET A 81 9.68 18.98 -13.51
C MET A 81 8.42 18.23 -13.11
N SER A 82 7.35 18.96 -12.87
CA SER A 82 6.07 18.35 -12.52
C SER A 82 5.57 17.48 -13.66
N TYR A 83 5.69 17.98 -14.89
CA TYR A 83 5.26 17.22 -16.06
C TYR A 83 6.09 15.96 -16.23
N VAL A 84 7.40 16.10 -16.04
CA VAL A 84 8.32 14.97 -16.15
C VAL A 84 7.91 13.84 -15.23
N LEU A 85 7.48 14.20 -14.02
CA LEU A 85 7.12 13.20 -13.02
C LEU A 85 5.83 12.46 -13.38
N THR A 86 4.79 13.21 -13.74
CA THR A 86 3.48 12.61 -14.00
C THR A 86 3.45 11.81 -15.30
N SER A 87 4.04 12.35 -16.36
CA SER A 87 4.03 11.69 -17.66
C SER A 87 4.73 10.33 -17.60
N ARG A 88 5.90 10.30 -16.97
CA ARG A 88 6.69 9.08 -16.88
C ARG A 88 6.05 8.06 -15.94
N SER A 89 5.61 8.53 -14.77
CA SER A 89 5.02 7.65 -13.76
C SER A 89 3.74 6.97 -14.25
N HIS A 90 3.10 7.57 -15.24
CA HIS A 90 1.84 7.06 -15.77
C HIS A 90 2.02 5.68 -16.40
N LEU A 91 3.24 5.38 -16.84
CA LEU A 91 3.53 4.13 -17.52
C LEU A 91 3.65 2.94 -16.57
N ILE A 92 3.54 3.22 -15.27
CA ILE A 92 3.63 2.19 -14.25
C ILE A 92 2.28 2.04 -13.53
N ASP A 93 1.69 0.85 -13.63
CA ASP A 93 0.39 0.60 -13.00
C ASP A 93 0.55 0.56 -11.48
N SER A 94 -0.36 1.26 -10.80
CA SER A 94 -0.25 1.45 -9.35
C SER A 94 -1.65 1.64 -8.73
N PRO A 95 -2.08 0.71 -7.86
CA PRO A 95 -1.40 -0.48 -7.34
C PRO A 95 -1.05 -1.49 -8.43
N PRO A 96 -0.13 -2.42 -8.13
CA PRO A 96 0.45 -3.34 -9.13
C PRO A 96 -0.53 -4.42 -9.56
N THR A 97 -0.16 -5.14 -10.62
CA THR A 97 -1.05 -6.13 -11.21
C THR A 97 -0.43 -7.52 -11.27
N TYR A 98 0.27 -7.81 -12.35
CA TYR A 98 0.78 -9.15 -12.58
C TYR A 98 2.04 -9.45 -11.78
N ASN A 99 2.32 -10.73 -11.58
CA ASN A 99 3.64 -11.17 -11.16
C ASN A 99 4.01 -12.42 -11.96
N ALA A 100 5.05 -13.11 -11.54
CA ALA A 100 5.58 -14.24 -12.30
C ALA A 100 4.58 -15.37 -12.45
N ASP A 101 3.65 -15.49 -11.50
CA ASP A 101 2.71 -16.61 -11.48
C ASP A 101 1.33 -16.29 -12.03
N TYR A 102 1.09 -15.04 -12.40
CA TYR A 102 -0.24 -14.64 -12.88
C TYR A 102 -0.19 -13.70 -14.08
N GLY A 103 -0.66 -14.20 -15.22
CA GLY A 103 -0.80 -13.39 -16.42
C GLY A 103 -2.15 -12.72 -16.48
N TYR A 104 -2.94 -12.93 -15.43
CA TYR A 104 -4.23 -12.27 -15.27
C TYR A 104 -4.29 -11.65 -13.89
N LYS A 105 -5.07 -10.59 -13.74
CA LYS A 105 -5.25 -9.96 -12.43
C LYS A 105 -5.83 -10.96 -11.44
N SER A 106 -5.27 -10.98 -10.23
CA SER A 106 -5.73 -11.86 -9.17
C SER A 106 -5.38 -11.26 -7.82
N TRP A 107 -6.10 -11.67 -6.78
CA TRP A 107 -5.84 -11.14 -5.45
C TRP A 107 -4.49 -11.60 -4.93
N GLU A 108 -4.10 -12.82 -5.28
CA GLU A 108 -2.81 -13.36 -4.89
C GLU A 108 -1.68 -12.51 -5.47
N ALA A 109 -1.84 -12.11 -6.73
CA ALA A 109 -0.82 -11.31 -7.40
C ALA A 109 -0.75 -9.91 -6.82
N PHE A 110 -1.90 -9.34 -6.47
CA PHE A 110 -1.92 -8.02 -5.85
C PHE A 110 -1.34 -8.04 -4.43
N SER A 111 -1.83 -8.98 -3.62
CA SER A 111 -1.64 -8.90 -2.17
C SER A 111 -0.34 -9.49 -1.67
N ASN A 112 0.17 -10.52 -2.36
CA ASN A 112 1.36 -11.23 -1.89
C ASN A 112 2.62 -10.38 -2.12
N LEU A 113 3.12 -9.78 -1.05
CA LEU A 113 4.23 -8.84 -1.13
C LEU A 113 5.60 -9.51 -1.34
N SER A 114 5.62 -10.84 -1.32
CA SER A 114 6.88 -11.57 -1.47
C SER A 114 7.31 -11.66 -2.93
N TYR A 115 6.37 -11.43 -3.84
CA TYR A 115 6.66 -11.40 -5.27
C TYR A 115 7.19 -10.04 -5.73
N TYR A 116 8.15 -10.03 -6.66
CA TYR A 116 8.33 -8.87 -7.51
C TYR A 116 7.07 -8.78 -8.36
N THR A 117 6.54 -7.58 -8.58
CA THR A 117 5.42 -7.42 -9.51
C THR A 117 5.97 -7.42 -10.94
N ARG A 118 5.08 -7.27 -11.91
CA ARG A 118 5.47 -7.36 -13.33
C ARG A 118 4.79 -6.28 -14.17
N ALA A 119 5.57 -5.66 -15.05
CA ALA A 119 5.07 -4.62 -15.94
C ALA A 119 4.29 -5.25 -17.09
N LEU A 120 4.81 -6.36 -17.62
CA LEU A 120 4.12 -7.19 -18.59
C LEU A 120 3.88 -8.56 -17.98
N PRO A 121 2.73 -9.18 -18.28
CA PRO A 121 2.46 -10.49 -17.68
C PRO A 121 3.39 -11.55 -18.26
N PRO A 122 3.55 -12.68 -17.54
CA PRO A 122 4.40 -13.75 -18.05
C PRO A 122 3.82 -14.40 -19.30
N VAL A 123 4.67 -15.00 -20.10
CA VAL A 123 4.20 -15.75 -21.26
C VAL A 123 3.42 -16.95 -20.74
N PRO A 124 2.24 -17.24 -21.33
CA PRO A 124 1.49 -18.42 -20.89
C PRO A 124 2.32 -19.71 -21.01
N ASP A 125 2.03 -20.69 -20.17
CA ASP A 125 2.87 -21.89 -20.05
C ASP A 125 2.83 -22.78 -21.28
N ASP A 126 1.68 -22.82 -21.97
CA ASP A 126 1.45 -23.74 -23.07
C ASP A 126 1.58 -23.09 -24.44
N CYS A 127 2.66 -22.35 -24.67
CA CYS A 127 2.84 -21.62 -25.92
C CYS A 127 3.81 -22.34 -26.85
N PRO A 128 3.63 -22.19 -28.17
CA PRO A 128 4.49 -22.85 -29.16
C PRO A 128 5.97 -22.58 -28.95
N THR A 129 6.34 -21.33 -28.74
CA THR A 129 7.72 -20.95 -28.45
C THR A 129 7.78 -20.29 -27.08
N PRO A 130 8.94 -20.36 -26.41
CA PRO A 130 9.06 -19.90 -25.01
C PRO A 130 8.73 -18.43 -24.81
N LEU A 131 8.67 -17.66 -25.90
CA LEU A 131 8.37 -16.23 -25.83
C LEU A 131 6.97 -15.89 -26.30
N GLY A 132 6.27 -16.88 -26.83
CA GLY A 132 4.94 -16.70 -27.36
C GLY A 132 4.76 -17.49 -28.64
N VAL A 133 5.05 -16.87 -29.77
CA VAL A 133 4.97 -17.53 -31.07
C VAL A 133 6.17 -17.22 -31.97
N LYS A 134 7.07 -16.38 -31.49
CA LYS A 134 8.24 -15.97 -32.28
C LYS A 134 9.49 -16.70 -31.83
N GLY A 135 10.45 -16.85 -32.75
CA GLY A 135 11.72 -17.49 -32.44
C GLY A 135 11.65 -19.00 -32.48
N LYS A 136 12.81 -19.64 -32.36
CA LYS A 136 12.89 -21.10 -32.39
C LYS A 136 12.19 -21.71 -31.19
N LYS A 137 11.93 -23.02 -31.26
CA LYS A 137 11.25 -23.73 -30.18
C LYS A 137 12.06 -23.68 -28.89
N GLN A 138 13.39 -23.60 -29.04
CA GLN A 138 14.29 -23.42 -27.90
C GLN A 138 15.04 -22.11 -28.02
N LEU A 139 15.34 -21.50 -26.88
CA LEU A 139 16.08 -20.24 -26.88
C LEU A 139 17.57 -20.50 -26.96
N PRO A 140 18.34 -19.50 -27.43
CA PRO A 140 19.79 -19.65 -27.55
C PRO A 140 20.46 -20.00 -26.24
N ASP A 141 21.62 -20.64 -26.31
CA ASP A 141 22.38 -20.97 -25.12
C ASP A 141 22.75 -19.67 -24.41
N SER A 142 22.39 -19.57 -23.13
CA SER A 142 22.62 -18.34 -22.38
C SER A 142 24.10 -17.99 -22.32
N ASN A 143 24.94 -18.99 -22.10
CA ASN A 143 26.38 -18.78 -22.04
C ASN A 143 26.94 -18.29 -23.37
N GLU A 144 26.36 -18.75 -24.47
CA GLU A 144 26.78 -18.32 -25.80
C GLU A 144 26.51 -16.83 -26.00
N ILE A 145 25.28 -16.41 -25.68
CA ILE A 145 24.90 -15.01 -25.77
C ILE A 145 25.86 -14.16 -24.96
N VAL A 146 26.08 -14.56 -23.72
CA VAL A 146 26.98 -13.85 -22.81
C VAL A 146 28.38 -13.75 -23.40
N GLU A 147 28.82 -14.81 -24.07
CA GLU A 147 30.19 -14.86 -24.59
C GLU A 147 30.36 -14.07 -25.88
N LYS A 148 29.35 -14.12 -26.74
CA LYS A 148 29.47 -13.53 -28.08
C LYS A 148 28.96 -12.09 -28.18
N LEU A 149 28.29 -11.61 -27.13
CA LEU A 149 27.66 -10.29 -27.18
C LEU A 149 27.87 -9.43 -25.94
N LEU A 150 28.26 -10.04 -24.83
CA LEU A 150 28.34 -9.32 -23.55
C LEU A 150 29.74 -9.26 -22.96
N LEU A 151 30.53 -10.32 -23.13
CA LEU A 151 31.83 -10.40 -22.47
C LEU A 151 32.77 -9.30 -22.96
N ARG A 152 33.52 -8.73 -22.02
CA ARG A 152 34.43 -7.62 -22.32
C ARG A 152 35.78 -8.11 -22.83
N ARG A 153 36.17 -7.62 -24.00
CA ARG A 153 37.51 -7.81 -24.52
C ARG A 153 38.37 -6.60 -24.11
N LYS A 154 37.90 -5.42 -24.52
CA LYS A 154 38.56 -4.16 -24.21
C LYS A 154 37.63 -3.30 -23.38
N PHE A 155 38.16 -2.71 -22.31
CA PHE A 155 37.36 -1.85 -21.45
C PHE A 155 36.83 -0.66 -22.23
N ILE A 156 35.53 -0.41 -22.10
CA ILE A 156 34.90 0.73 -22.76
C ILE A 156 34.40 1.71 -21.71
N PRO A 157 35.06 2.87 -21.60
CA PRO A 157 34.71 3.83 -20.54
C PRO A 157 33.35 4.48 -20.80
N ASP A 158 32.67 4.89 -19.73
CA ASP A 158 31.44 5.64 -19.87
C ASP A 158 31.74 7.01 -20.49
N PRO A 159 31.11 7.33 -21.63
CA PRO A 159 31.38 8.63 -22.24
C PRO A 159 30.87 9.79 -21.38
N GLN A 160 29.90 9.52 -20.50
CA GLN A 160 29.33 10.54 -19.63
C GLN A 160 30.20 10.79 -18.40
N GLY A 161 31.24 9.97 -18.23
CA GLY A 161 32.22 10.21 -17.19
C GLY A 161 31.92 9.59 -15.85
N SER A 162 30.94 8.69 -15.79
CA SER A 162 30.55 8.04 -14.53
C SER A 162 31.77 7.44 -13.85
N ASN A 163 31.90 7.69 -12.55
CA ASN A 163 33.03 7.18 -11.78
C ASN A 163 32.60 6.05 -10.85
N MET A 164 33.54 5.55 -10.06
CA MET A 164 33.24 4.43 -9.17
C MET A 164 32.41 4.88 -7.97
N MET A 165 32.43 6.17 -7.69
CA MET A 165 31.53 6.73 -6.67
C MET A 165 30.09 6.55 -7.15
N PHE A 166 29.87 6.74 -8.45
CA PHE A 166 28.55 6.52 -9.02
C PHE A 166 28.19 5.04 -9.07
N ALA A 167 29.12 4.22 -9.54
CA ALA A 167 28.89 2.79 -9.69
C ALA A 167 28.48 2.16 -8.36
N PHE A 168 29.25 2.42 -7.30
CA PHE A 168 28.96 1.83 -6.00
C PHE A 168 27.74 2.45 -5.35
N PHE A 169 27.44 3.71 -5.66
CA PHE A 169 26.22 4.32 -5.15
C PHE A 169 25.02 3.60 -5.74
N ALA A 170 25.11 3.30 -7.04
CA ALA A 170 24.05 2.58 -7.73
C ALA A 170 23.84 1.20 -7.11
N GLN A 171 24.94 0.49 -6.89
CA GLN A 171 24.88 -0.84 -6.30
C GLN A 171 24.29 -0.76 -4.90
N HIS A 172 24.87 0.09 -4.07
CA HIS A 172 24.44 0.26 -2.69
C HIS A 172 22.96 0.68 -2.60
N PHE A 173 22.57 1.62 -3.46
CA PHE A 173 21.23 2.19 -3.37
C PHE A 173 20.14 1.21 -3.81
N THR A 174 20.34 0.56 -4.95
CA THR A 174 19.31 -0.31 -5.50
C THR A 174 19.11 -1.58 -4.69
N HIS A 175 20.13 -1.95 -3.91
CA HIS A 175 20.09 -3.22 -3.17
C HIS A 175 19.32 -3.11 -1.87
N GLN A 176 18.58 -2.02 -1.70
CA GLN A 176 17.63 -1.93 -0.59
C GLN A 176 16.24 -2.34 -1.04
N PHE A 177 16.00 -2.33 -2.36
CA PHE A 177 14.73 -2.82 -2.90
C PHE A 177 14.90 -3.88 -4.00
N PHE A 178 16.15 -4.13 -4.40
CA PHE A 178 16.47 -5.32 -5.20
C PHE A 178 17.12 -6.36 -4.28
N LYS A 179 16.30 -7.19 -3.66
CA LYS A 179 16.77 -8.18 -2.70
C LYS A 179 16.13 -9.52 -2.98
N THR A 180 16.58 -10.16 -4.07
CA THR A 180 15.97 -11.40 -4.53
C THR A 180 16.15 -12.53 -3.52
N ASP A 181 15.07 -13.28 -3.31
CA ASP A 181 15.05 -14.39 -2.38
C ASP A 181 15.28 -15.70 -3.13
N HIS A 182 16.54 -16.11 -3.24
CA HIS A 182 16.89 -17.30 -4.01
C HIS A 182 16.50 -18.59 -3.28
N LYS A 183 16.20 -18.50 -1.99
CA LYS A 183 15.63 -19.63 -1.26
C LYS A 183 14.34 -20.08 -1.93
N ARG A 184 13.66 -19.14 -2.58
CA ARG A 184 12.34 -19.37 -3.16
C ARG A 184 12.37 -19.26 -4.69
N GLY A 185 13.24 -18.40 -5.19
CA GLY A 185 13.41 -18.24 -6.62
C GLY A 185 13.54 -16.79 -7.04
N PRO A 186 13.88 -16.56 -8.32
CA PRO A 186 14.06 -15.21 -8.87
C PRO A 186 12.79 -14.35 -8.85
N ALA A 187 11.63 -14.97 -8.70
CA ALA A 187 10.37 -14.23 -8.75
C ALA A 187 10.03 -13.56 -7.41
N PHE A 188 10.86 -13.79 -6.40
CA PHE A 188 10.55 -13.34 -5.04
C PHE A 188 11.60 -12.36 -4.49
N THR A 189 11.20 -11.57 -3.49
CA THR A 189 12.09 -10.59 -2.87
C THR A 189 11.95 -10.57 -1.36
N ASN A 190 13.03 -10.19 -0.68
CA ASN A 190 13.02 -9.99 0.78
C ASN A 190 12.77 -8.53 1.13
N GLY A 191 12.69 -7.67 0.12
CA GLY A 191 12.46 -6.26 0.33
C GLY A 191 10.97 -5.97 0.32
N LEU A 192 10.31 -6.25 1.43
CA LEU A 192 8.86 -6.15 1.51
C LEU A 192 8.39 -4.70 1.65
N GLY A 193 9.32 -3.77 1.74
CA GLY A 193 9.00 -2.36 1.74
C GLY A 193 8.90 -1.81 0.32
N HIS A 194 9.39 -2.59 -0.64
CA HIS A 194 9.30 -2.28 -2.07
C HIS A 194 9.61 -0.82 -2.39
N GLY A 195 10.72 -0.31 -1.86
CA GLY A 195 11.11 1.05 -2.13
C GLY A 195 12.25 1.53 -1.27
N VAL A 196 12.35 2.85 -1.13
CA VAL A 196 13.41 3.46 -0.35
C VAL A 196 13.00 3.58 1.11
N ASP A 197 13.18 2.50 1.85
CA ASP A 197 12.93 2.48 3.30
C ASP A 197 14.24 2.43 4.07
N LEU A 198 15.36 2.42 3.34
CA LEU A 198 16.69 2.37 3.93
C LEU A 198 16.87 1.14 4.81
N ASN A 199 16.22 0.05 4.44
CA ASN A 199 16.38 -1.20 5.18
C ASN A 199 17.81 -1.73 5.05
N HIS A 200 18.53 -1.25 4.04
CA HIS A 200 19.92 -1.65 3.84
C HIS A 200 20.85 -0.98 4.85
N ILE A 201 20.32 -0.04 5.62
CA ILE A 201 21.05 0.59 6.72
C ILE A 201 20.52 0.09 8.06
N TYR A 202 19.20 0.10 8.20
CA TYR A 202 18.56 -0.14 9.48
C TYR A 202 18.09 -1.58 9.66
N GLY A 203 18.11 -2.35 8.59
CA GLY A 203 17.65 -3.73 8.64
C GLY A 203 16.21 -3.88 8.16
N GLU A 204 15.91 -5.04 7.58
CA GLU A 204 14.58 -5.29 7.04
C GLU A 204 13.56 -5.49 8.16
N THR A 205 13.95 -6.24 9.18
CA THR A 205 13.03 -6.59 10.27
C THR A 205 13.35 -5.81 11.54
N LEU A 206 12.37 -5.69 12.42
CA LEU A 206 12.54 -5.01 13.69
C LEU A 206 13.61 -5.71 14.52
N ALA A 207 13.64 -7.04 14.44
CA ALA A 207 14.63 -7.82 15.16
C ALA A 207 16.03 -7.40 14.76
N ARG A 208 16.27 -7.29 13.46
CA ARG A 208 17.59 -6.92 12.96
C ARG A 208 17.91 -5.47 13.30
N GLN A 209 16.91 -4.61 13.21
CA GLN A 209 17.06 -3.21 13.59
C GLN A 209 17.55 -3.09 15.03
N ARG A 210 16.93 -3.87 15.92
CA ARG A 210 17.24 -3.80 17.34
C ARG A 210 18.67 -4.26 17.64
N LYS A 211 19.19 -5.16 16.81
CA LYS A 211 20.56 -5.63 16.96
C LYS A 211 21.56 -4.54 16.60
N LEU A 212 21.22 -3.74 15.58
CA LEU A 212 22.14 -2.74 15.05
C LEU A 212 22.11 -1.43 15.84
N ARG A 213 21.02 -1.20 16.59
CA ARG A 213 20.84 0.06 17.30
C ARG A 213 21.62 0.11 18.60
N LEU A 214 21.93 1.33 19.05
CA LEU A 214 22.66 1.55 20.28
C LEU A 214 21.69 1.83 21.43
N PHE A 215 20.49 2.27 21.07
CA PHE A 215 19.44 2.59 22.04
C PHE A 215 19.88 3.67 23.03
N LYS A 216 20.84 4.47 22.61
CA LYS A 216 21.25 5.67 23.33
C LYS A 216 21.31 6.82 22.32
N ASP A 217 20.66 7.93 22.65
CA ASP A 217 20.65 9.13 21.80
C ASP A 217 20.05 8.88 20.42
N GLY A 218 19.40 7.73 20.22
CA GLY A 218 18.77 7.42 18.96
C GLY A 218 19.73 6.85 17.92
N LYS A 219 20.95 6.56 18.35
CA LYS A 219 22.03 6.22 17.42
C LYS A 219 22.13 4.74 17.10
N MET A 220 22.94 4.45 16.09
CA MET A 220 23.28 3.10 15.70
C MET A 220 24.62 2.72 16.32
N LYS A 221 24.82 1.43 16.56
CA LYS A 221 26.09 0.95 17.09
C LYS A 221 27.23 1.30 16.13
N TYR A 222 28.44 1.40 16.67
CA TYR A 222 29.59 1.70 15.85
C TYR A 222 30.89 1.35 16.58
N GLN A 223 31.96 1.24 15.80
CA GLN A 223 33.30 1.08 16.32
C GLN A 223 34.10 2.35 16.03
N ILE A 224 35.13 2.60 16.81
CA ILE A 224 36.08 3.68 16.51
C ILE A 224 37.42 3.07 16.16
N ILE A 225 37.84 3.27 14.92
CA ILE A 225 39.09 2.71 14.41
C ILE A 225 39.89 3.82 13.76
N ASP A 226 41.13 3.98 14.21
CA ASP A 226 41.99 5.08 13.75
C ASP A 226 41.24 6.42 13.80
N GLY A 227 40.55 6.66 14.90
CA GLY A 227 39.94 7.95 15.15
C GLY A 227 38.58 8.19 14.52
N GLU A 228 38.20 7.36 13.56
CA GLU A 228 36.95 7.54 12.82
C GLU A 228 35.91 6.46 13.12
N MET A 229 34.67 6.74 12.76
CA MET A 229 33.54 5.86 13.05
C MET A 229 33.31 4.82 11.96
N TYR A 230 33.15 3.56 12.36
CA TYR A 230 32.82 2.47 11.44
C TYR A 230 31.69 1.63 12.02
N PRO A 231 31.03 0.82 11.16
CA PRO A 231 29.98 -0.08 11.65
C PRO A 231 30.47 -1.09 12.68
N PRO A 232 29.54 -1.63 13.49
CA PRO A 232 29.88 -2.63 14.50
C PRO A 232 30.06 -3.99 13.85
N THR A 233 30.43 -5.00 14.63
CA THR A 233 30.70 -6.32 14.08
C THR A 233 29.50 -7.26 14.28
N VAL A 234 29.53 -8.38 13.58
CA VAL A 234 28.54 -9.44 13.76
C VAL A 234 28.54 -9.88 15.22
N LYS A 235 29.72 -9.97 15.81
CA LYS A 235 29.86 -10.45 17.17
C LYS A 235 29.21 -9.52 18.18
N ASP A 236 29.43 -8.21 18.01
CA ASP A 236 28.94 -7.23 18.96
C ASP A 236 27.42 -7.04 18.85
N THR A 237 26.88 -7.29 17.66
CA THR A 237 25.46 -7.03 17.37
C THR A 237 24.61 -8.30 17.30
N GLN A 238 25.24 -9.41 16.90
CA GLN A 238 24.56 -10.67 16.62
C GLN A 238 23.69 -10.58 15.36
N ALA A 239 23.89 -9.51 14.58
CA ALA A 239 23.22 -9.38 13.29
C ALA A 239 24.03 -10.12 12.23
N GLU A 240 23.43 -11.15 11.64
CA GLU A 240 24.14 -12.01 10.70
C GLU A 240 24.55 -11.26 9.44
N MET A 241 25.65 -11.72 8.84
CA MET A 241 26.20 -11.14 7.62
C MET A 241 26.76 -12.25 6.73
N ILE A 242 26.85 -11.99 5.43
CA ILE A 242 27.47 -12.93 4.51
C ILE A 242 28.95 -12.64 4.41
N TYR A 243 29.76 -13.50 5.00
CA TYR A 243 31.20 -13.43 4.89
C TYR A 243 31.77 -14.83 4.69
N PRO A 244 32.76 -14.98 3.81
CA PRO A 244 33.44 -16.28 3.77
C PRO A 244 34.18 -16.58 5.08
N PRO A 245 34.64 -17.83 5.27
CA PRO A 245 35.25 -18.22 6.55
C PRO A 245 36.59 -17.54 6.84
N GLN A 246 37.29 -17.08 5.80
CA GLN A 246 38.62 -16.51 5.98
C GLN A 246 38.56 -15.13 6.64
N VAL A 247 37.44 -14.44 6.48
CA VAL A 247 37.27 -13.14 7.11
C VAL A 247 37.34 -13.28 8.63
N PRO A 248 38.36 -12.67 9.27
CA PRO A 248 38.39 -12.76 10.73
C PRO A 248 37.19 -12.08 11.37
N GLU A 249 36.77 -12.58 12.54
CA GLU A 249 35.59 -12.07 13.25
C GLU A 249 35.55 -10.55 13.35
N HIS A 250 36.66 -9.95 13.80
CA HIS A 250 36.70 -8.53 14.08
C HIS A 250 36.64 -7.68 12.80
N LEU A 251 36.69 -8.33 11.65
CA LEU A 251 36.57 -7.63 10.37
C LEU A 251 35.20 -7.84 9.72
N ARG A 252 34.31 -8.55 10.41
CA ARG A 252 32.96 -8.80 9.89
C ARG A 252 32.00 -7.70 10.30
N PHE A 253 32.10 -6.55 9.63
CA PHE A 253 31.23 -5.42 9.89
C PHE A 253 29.76 -5.78 9.66
N ALA A 254 28.91 -5.29 10.55
CA ALA A 254 27.47 -5.55 10.47
C ALA A 254 26.73 -4.28 10.07
N VAL A 255 25.93 -4.39 9.02
CA VAL A 255 25.13 -3.28 8.54
C VAL A 255 23.75 -3.81 8.16
N GLY A 256 22.89 -2.93 7.66
CA GLY A 256 21.52 -3.30 7.37
C GLY A 256 21.41 -4.47 6.41
N GLN A 257 22.06 -4.35 5.26
CA GLN A 257 21.99 -5.37 4.21
C GLN A 257 23.02 -6.47 4.45
N GLU A 258 22.55 -7.71 4.46
CA GLU A 258 23.39 -8.88 4.73
C GLU A 258 24.56 -9.00 3.75
N VAL A 259 24.36 -8.47 2.54
CA VAL A 259 25.27 -8.74 1.43
C VAL A 259 26.36 -7.69 1.25
N PHE A 260 26.33 -6.63 2.04
CA PHE A 260 27.19 -5.48 1.78
C PHE A 260 28.64 -5.70 2.21
N GLY A 261 28.92 -6.83 2.84
CA GLY A 261 30.29 -7.23 3.10
C GLY A 261 30.98 -7.64 1.80
N LEU A 262 30.21 -7.78 0.74
CA LEU A 262 30.69 -8.23 -0.56
C LEU A 262 31.93 -7.47 -1.04
N VAL A 263 31.79 -6.16 -1.25
CA VAL A 263 32.90 -5.33 -1.71
C VAL A 263 33.14 -4.15 -0.76
N PRO A 264 34.39 -3.69 -0.67
CA PRO A 264 34.74 -2.51 0.13
C PRO A 264 33.96 -1.26 -0.27
N GLY A 265 33.57 -1.17 -1.53
CA GLY A 265 32.84 -0.02 -2.04
C GLY A 265 31.48 0.14 -1.40
N LEU A 266 30.79 -0.99 -1.18
CA LEU A 266 29.49 -0.98 -0.53
C LEU A 266 29.65 -0.64 0.95
N MET A 267 30.66 -1.23 1.57
CA MET A 267 30.92 -0.98 2.98
C MET A 267 31.31 0.47 3.22
N MET A 268 31.81 1.12 2.17
CA MET A 268 32.12 2.55 2.25
C MET A 268 30.84 3.34 2.49
N TYR A 269 29.87 3.16 1.59
CA TYR A 269 28.61 3.89 1.68
C TYR A 269 27.85 3.48 2.93
N ALA A 270 27.99 2.22 3.32
CA ALA A 270 27.42 1.75 4.58
C ALA A 270 28.00 2.58 5.72
N THR A 271 29.32 2.72 5.71
CA THR A 271 30.01 3.53 6.70
C THR A 271 29.57 4.98 6.62
N ILE A 272 29.54 5.53 5.41
CA ILE A 272 29.17 6.93 5.22
C ILE A 272 27.75 7.20 5.69
N TRP A 273 26.83 6.32 5.35
CA TRP A 273 25.42 6.50 5.72
C TRP A 273 25.22 6.24 7.21
N LEU A 274 25.98 5.29 7.77
CA LEU A 274 25.95 5.07 9.20
C LEU A 274 26.40 6.33 9.93
N ARG A 275 27.45 6.96 9.42
CA ARG A 275 27.96 8.19 9.99
C ARG A 275 26.90 9.29 9.90
N GLU A 276 26.15 9.30 8.80
CA GLU A 276 25.13 10.32 8.58
C GLU A 276 23.99 10.20 9.59
N HIS A 277 23.57 8.98 9.87
CA HIS A 277 22.49 8.78 10.85
C HIS A 277 22.88 9.32 12.21
N ASN A 278 24.02 8.88 12.71
CA ASN A 278 24.50 9.32 14.02
C ASN A 278 24.75 10.82 14.05
N ARG A 279 25.08 11.40 12.90
CA ARG A 279 25.29 12.84 12.82
C ARG A 279 23.96 13.56 12.97
N VAL A 280 22.96 13.10 12.23
CA VAL A 280 21.63 13.69 12.32
C VAL A 280 21.09 13.55 13.74
N CYS A 281 21.51 12.49 14.43
CA CYS A 281 21.10 12.28 15.82
C CYS A 281 21.64 13.38 16.73
N ASP A 282 22.90 13.74 16.53
CA ASP A 282 23.50 14.82 17.30
C ASP A 282 22.75 16.13 17.03
N VAL A 283 22.47 16.39 15.76
CA VAL A 283 21.72 17.57 15.37
C VAL A 283 20.37 17.65 16.08
N LEU A 284 19.64 16.55 16.04
CA LEU A 284 18.28 16.52 16.56
C LEU A 284 18.24 16.62 18.07
N LYS A 285 19.25 16.07 18.72
CA LYS A 285 19.32 16.13 20.18
C LYS A 285 19.40 17.57 20.65
N GLN A 286 20.14 18.38 19.89
CA GLN A 286 20.27 19.79 20.19
C GLN A 286 18.92 20.50 20.04
N GLU A 287 18.20 20.15 18.99
CA GLU A 287 16.88 20.73 18.75
C GLU A 287 15.86 20.24 19.77
N HIS A 288 16.01 18.99 20.21
CA HIS A 288 15.06 18.36 21.11
C HIS A 288 15.75 17.61 22.24
N PRO A 289 16.28 18.36 23.23
CA PRO A 289 16.91 17.74 24.40
C PRO A 289 15.90 16.96 25.26
N GLU A 290 14.61 17.12 24.97
CA GLU A 290 13.56 16.44 25.71
C GLU A 290 13.20 15.10 25.05
N TRP A 291 13.73 14.85 23.85
CA TRP A 291 13.45 13.62 23.12
C TRP A 291 14.23 12.44 23.65
N GLY A 292 13.60 11.27 23.62
CA GLY A 292 14.26 10.03 24.00
C GLY A 292 14.91 9.35 22.81
N ASP A 293 15.49 8.18 23.04
CA ASP A 293 16.19 7.44 22.00
C ASP A 293 15.28 7.06 20.83
N GLU A 294 14.04 6.69 21.11
CA GLU A 294 13.16 6.19 20.07
C GLU A 294 12.83 7.25 19.03
N GLN A 295 12.36 8.42 19.48
CA GLN A 295 11.97 9.47 18.55
C GLN A 295 13.18 10.02 17.81
N LEU A 296 14.33 10.04 18.49
CA LEU A 296 15.57 10.48 17.85
C LEU A 296 15.94 9.54 16.71
N PHE A 297 15.82 8.23 16.95
CA PHE A 297 16.13 7.25 15.91
C PHE A 297 15.15 7.34 14.76
N GLN A 298 13.87 7.31 15.07
CA GLN A 298 12.82 7.27 14.06
C GLN A 298 12.83 8.51 13.17
N THR A 299 13.04 9.68 13.76
CA THR A 299 13.05 10.92 13.00
C THR A 299 14.30 11.01 12.13
N SER A 300 15.43 10.54 12.66
CA SER A 300 16.67 10.50 11.90
C SER A 300 16.51 9.63 10.65
N ARG A 301 15.81 8.51 10.81
CA ARG A 301 15.57 7.61 9.68
C ARG A 301 14.77 8.31 8.59
N LEU A 302 13.72 9.03 9.00
CA LEU A 302 12.88 9.74 8.04
C LEU A 302 13.71 10.79 7.31
N ILE A 303 14.56 11.50 8.04
CA ILE A 303 15.44 12.50 7.44
C ILE A 303 16.36 11.86 6.41
N LEU A 304 16.99 10.74 6.76
CA LEU A 304 17.93 10.09 5.86
C LEU A 304 17.23 9.53 4.63
N ILE A 305 15.95 9.15 4.77
CA ILE A 305 15.17 8.70 3.62
C ILE A 305 15.01 9.86 2.64
N GLY A 306 14.67 11.02 3.18
CA GLY A 306 14.53 12.22 2.37
C GLY A 306 15.83 12.60 1.68
N GLU A 307 16.93 12.54 2.43
CA GLU A 307 18.24 12.79 1.87
C GLU A 307 18.50 11.89 0.68
N THR A 308 18.11 10.62 0.80
CA THR A 308 18.39 9.64 -0.23
C THR A 308 17.68 10.00 -1.52
N ILE A 309 16.39 10.29 -1.43
CA ILE A 309 15.60 10.64 -2.59
C ILE A 309 16.10 11.94 -3.20
N LYS A 310 16.45 12.89 -2.34
CA LYS A 310 17.00 14.17 -2.78
C LYS A 310 18.26 13.97 -3.62
N ILE A 311 19.21 13.21 -3.08
CA ILE A 311 20.47 12.95 -3.77
C ILE A 311 20.23 12.14 -5.04
N VAL A 312 19.37 11.14 -4.97
CA VAL A 312 19.15 10.27 -6.11
C VAL A 312 18.55 11.05 -7.28
N ILE A 313 17.69 12.03 -6.98
CA ILE A 313 17.05 12.80 -8.04
C ILE A 313 17.98 13.88 -8.61
N GLU A 314 18.61 14.65 -7.72
CA GLU A 314 19.30 15.87 -8.15
C GLU A 314 20.80 15.72 -8.39
N ASP A 315 21.36 14.57 -8.05
CA ASP A 315 22.76 14.27 -8.33
C ASP A 315 22.91 13.01 -9.17
N TYR A 316 22.31 11.93 -8.70
CA TYR A 316 22.44 10.62 -9.34
C TYR A 316 21.77 10.58 -10.71
N VAL A 317 20.48 10.90 -10.78
CA VAL A 317 19.74 10.85 -12.03
C VAL A 317 20.08 12.04 -12.95
N ASN A 318 20.32 13.21 -12.37
CA ASN A 318 20.71 14.37 -13.17
C ASN A 318 21.99 14.03 -13.94
N HIS A 319 22.92 13.36 -13.27
CA HIS A 319 24.14 12.91 -13.91
C HIS A 319 23.84 11.93 -15.04
N LEU A 320 23.06 10.91 -14.74
CA LEU A 320 22.68 9.91 -15.74
C LEU A 320 22.03 10.56 -16.96
N SER A 321 21.06 11.42 -16.70
CA SER A 321 20.27 12.05 -17.75
C SER A 321 21.13 12.83 -18.75
N GLY A 322 22.11 13.56 -18.25
CA GLY A 322 22.92 14.42 -19.08
C GLY A 322 22.17 15.67 -19.49
N TYR A 323 21.06 15.93 -18.80
CA TYR A 323 20.22 17.08 -19.09
C TYR A 323 20.88 18.38 -18.63
N HIS A 324 20.54 19.48 -19.31
CA HIS A 324 20.95 20.82 -18.88
C HIS A 324 19.87 21.38 -17.95
N PHE A 325 18.65 20.85 -18.10
CA PHE A 325 17.57 21.15 -17.18
C PHE A 325 17.89 20.54 -15.82
N LYS A 326 17.80 21.34 -14.77
CA LYS A 326 18.12 20.86 -13.43
C LYS A 326 16.93 20.14 -12.81
N LEU A 327 17.06 18.82 -12.68
CA LEU A 327 16.03 18.02 -12.03
C LEU A 327 15.86 18.52 -10.59
N LYS A 328 14.69 18.28 -10.04
CA LYS A 328 14.33 18.81 -8.72
C LYS A 328 13.54 17.79 -7.93
N PHE A 329 13.93 17.58 -6.67
CA PHE A 329 13.13 16.80 -5.74
C PHE A 329 12.23 17.77 -4.99
N ASP A 330 10.93 17.67 -5.24
CA ASP A 330 9.96 18.57 -4.63
C ASP A 330 8.58 17.92 -4.62
N PRO A 331 8.22 17.27 -3.52
CA PRO A 331 6.91 16.62 -3.38
C PRO A 331 5.73 17.55 -3.63
N GLU A 332 5.94 18.87 -3.58
CA GLU A 332 4.86 19.83 -3.78
C GLU A 332 4.40 19.89 -5.23
N LEU A 333 5.27 19.50 -6.17
CA LEU A 333 4.94 19.54 -7.58
C LEU A 333 3.75 18.62 -7.89
N LEU A 334 3.54 17.63 -7.04
CA LEU A 334 2.54 16.59 -7.30
C LEU A 334 1.28 16.74 -6.47
N PHE A 335 1.24 17.72 -5.56
CA PHE A 335 0.10 17.88 -4.66
C PHE A 335 -1.18 18.29 -5.38
N ASN A 336 -1.06 18.86 -6.58
CA ASN A 336 -2.22 19.21 -7.39
C ASN A 336 -2.54 18.14 -8.42
N LYS A 337 -1.70 17.10 -8.50
CA LYS A 337 -1.82 16.08 -9.52
C LYS A 337 -2.40 14.78 -8.98
N GLN A 338 -2.97 13.98 -9.87
CA GLN A 338 -3.32 12.60 -9.54
C GLN A 338 -2.05 11.79 -9.42
N PHE A 339 -1.87 11.09 -8.30
CA PHE A 339 -0.65 10.33 -8.07
C PHE A 339 -0.81 9.35 -6.92
N GLN A 340 -0.39 8.10 -7.13
CA GLN A 340 -0.46 7.09 -6.08
C GLN A 340 0.80 7.08 -5.24
N TYR A 341 0.63 7.28 -3.94
CA TYR A 341 1.75 7.29 -3.01
C TYR A 341 2.01 5.88 -2.48
N GLN A 342 2.39 5.00 -3.40
CA GLN A 342 2.75 3.64 -3.09
C GLN A 342 3.58 3.07 -4.23
N ASN A 343 4.21 1.92 -4.02
CA ASN A 343 5.06 1.34 -5.04
C ASN A 343 5.27 -0.16 -4.81
N ARG A 344 5.52 -0.87 -5.89
CA ARG A 344 5.83 -2.30 -5.84
C ARG A 344 6.92 -2.56 -6.86
N ILE A 345 8.02 -3.15 -6.41
CA ILE A 345 9.19 -3.31 -7.26
C ILE A 345 8.95 -4.32 -8.37
N ALA A 346 9.18 -3.87 -9.61
CA ALA A 346 8.99 -4.70 -10.78
C ALA A 346 10.21 -5.59 -10.98
N ALA A 347 9.97 -6.83 -11.39
CA ALA A 347 11.05 -7.77 -11.66
C ALA A 347 11.88 -7.30 -12.85
N GLU A 348 11.23 -6.60 -13.78
CA GLU A 348 11.94 -6.10 -14.95
C GLU A 348 12.77 -4.89 -14.58
N PHE A 349 12.32 -4.15 -13.57
CA PHE A 349 13.10 -3.04 -13.04
C PHE A 349 14.44 -3.60 -12.55
N ASN A 350 14.35 -4.70 -11.81
CA ASN A 350 15.53 -5.41 -11.34
C ASN A 350 16.43 -5.82 -12.50
N THR A 351 15.85 -6.43 -13.53
CA THR A 351 16.61 -6.94 -14.65
C THR A 351 17.36 -5.85 -15.40
N LEU A 352 16.69 -4.76 -15.75
CA LEU A 352 17.35 -3.72 -16.54
C LEU A 352 18.41 -3.01 -15.70
N TYR A 353 18.36 -3.16 -14.39
CA TYR A 353 19.30 -2.49 -13.50
C TYR A 353 20.57 -3.30 -13.27
N HIS A 354 20.74 -4.38 -14.03
CA HIS A 354 21.97 -5.17 -13.94
C HIS A 354 23.07 -4.48 -14.74
N TRP A 355 23.51 -3.34 -14.23
CA TRP A 355 24.54 -2.54 -14.87
C TRP A 355 25.93 -2.99 -14.47
N HIS A 356 26.24 -4.26 -14.72
CA HIS A 356 27.54 -4.80 -14.37
C HIS A 356 28.64 -4.41 -15.38
N PRO A 357 28.27 -3.87 -16.56
CA PRO A 357 29.35 -3.30 -17.38
C PRO A 357 30.03 -2.08 -16.77
N LEU A 358 29.43 -1.46 -15.76
CA LEU A 358 30.05 -0.33 -15.07
C LEU A 358 31.39 -0.73 -14.48
N LEU A 359 31.48 -2.00 -14.08
CA LEU A 359 32.62 -2.48 -13.33
C LEU A 359 33.93 -2.45 -14.10
N PRO A 360 35.01 -1.98 -13.45
CA PRO A 360 36.33 -1.95 -14.07
C PRO A 360 37.01 -3.32 -14.04
N ASP A 361 38.20 -3.41 -14.63
CA ASP A 361 38.96 -4.65 -14.63
C ASP A 361 39.78 -4.77 -13.35
N THR A 362 40.17 -3.62 -12.80
CA THR A 362 40.83 -3.56 -11.50
C THR A 362 40.33 -2.34 -10.75
N PHE A 363 40.44 -2.37 -9.43
CA PHE A 363 40.03 -1.25 -8.59
C PHE A 363 41.25 -0.49 -8.10
N GLN A 364 41.26 0.81 -8.35
CA GLN A 364 42.41 1.66 -8.05
C GLN A 364 42.15 2.50 -6.81
N ILE A 365 42.76 2.11 -5.69
CA ILE A 365 42.68 2.87 -4.44
C ILE A 365 44.06 3.43 -4.12
N HIS A 366 44.16 4.76 -4.07
CA HIS A 366 45.43 5.43 -3.85
C HIS A 366 46.43 5.04 -4.95
N ASP A 367 47.51 4.34 -4.58
CA ASP A 367 48.57 3.98 -5.52
C ASP A 367 48.59 2.47 -5.81
N GLN A 368 47.51 1.79 -5.45
CA GLN A 368 47.45 0.33 -5.57
C GLN A 368 46.26 -0.15 -6.40
N LYS A 369 46.53 -1.11 -7.29
CA LYS A 369 45.50 -1.75 -8.08
C LYS A 369 45.13 -3.10 -7.47
N TYR A 370 43.84 -3.31 -7.25
CA TYR A 370 43.35 -4.58 -6.72
C TYR A 370 42.50 -5.31 -7.75
N ASN A 371 42.81 -6.57 -8.01
CA ASN A 371 41.95 -7.39 -8.87
C ASN A 371 40.71 -7.81 -8.09
N TYR A 372 39.88 -8.65 -8.69
CA TYR A 372 38.63 -9.03 -8.05
C TYR A 372 38.85 -9.97 -6.85
N GLN A 373 39.78 -10.90 -7.00
CA GLN A 373 40.07 -11.85 -5.92
C GLN A 373 40.63 -11.13 -4.71
N GLN A 374 41.41 -10.08 -4.95
CA GLN A 374 42.00 -9.28 -3.87
C GLN A 374 40.97 -8.36 -3.21
N PHE A 375 39.98 -7.95 -4.00
CA PHE A 375 39.08 -6.87 -3.59
C PHE A 375 37.81 -7.37 -2.91
N ILE A 376 37.33 -8.54 -3.32
CA ILE A 376 36.10 -9.10 -2.78
C ILE A 376 36.25 -9.50 -1.31
N TYR A 377 35.27 -9.08 -0.51
CA TYR A 377 35.19 -9.45 0.91
C TYR A 377 36.42 -9.02 1.72
N ASN A 378 37.18 -8.06 1.21
CA ASN A 378 38.37 -7.57 1.91
C ASN A 378 38.12 -6.23 2.61
N ASN A 379 37.71 -6.30 3.88
CA ASN A 379 37.47 -5.10 4.67
C ASN A 379 38.74 -4.47 5.20
N SER A 380 39.85 -5.20 5.15
CA SER A 380 41.13 -4.65 5.60
C SER A 380 41.52 -3.50 4.71
N ILE A 381 41.16 -3.60 3.43
CA ILE A 381 41.40 -2.53 2.46
C ILE A 381 40.76 -1.23 2.93
N LEU A 382 39.53 -1.34 3.45
CA LEU A 382 38.79 -0.19 3.94
C LEU A 382 39.53 0.49 5.09
N LEU A 383 39.99 -0.32 6.06
CA LEU A 383 40.73 0.21 7.20
C LEU A 383 42.12 0.68 6.79
N GLU A 384 42.73 -0.07 5.87
CA GLU A 384 44.04 0.26 5.34
C GLU A 384 44.10 1.67 4.77
N HIS A 385 43.06 2.06 4.03
CA HIS A 385 43.04 3.35 3.32
C HIS A 385 42.14 4.40 3.96
N GLY A 386 41.09 3.97 4.63
CA GLY A 386 40.14 4.89 5.22
C GLY A 386 39.18 5.43 4.18
N ILE A 387 38.06 6.00 4.63
CA ILE A 387 37.00 6.44 3.73
C ILE A 387 37.43 7.63 2.87
N THR A 388 38.21 8.54 3.43
CA THR A 388 38.65 9.72 2.67
C THR A 388 39.39 9.28 1.42
N GLN A 389 40.40 8.44 1.61
CA GLN A 389 41.19 7.91 0.50
C GLN A 389 40.29 7.25 -0.55
N PHE A 390 39.31 6.50 -0.09
CA PHE A 390 38.36 5.81 -0.98
C PHE A 390 37.60 6.79 -1.86
N VAL A 391 37.02 7.82 -1.25
CA VAL A 391 36.28 8.84 -1.98
C VAL A 391 37.17 9.47 -3.04
N GLU A 392 38.33 9.97 -2.63
CA GLU A 392 39.27 10.63 -3.53
C GLU A 392 39.64 9.70 -4.70
N SER A 393 39.88 8.44 -4.39
CA SER A 393 40.24 7.47 -5.41
C SER A 393 39.08 7.19 -6.38
N PHE A 394 37.93 6.84 -5.81
CA PHE A 394 36.78 6.45 -6.63
C PHE A 394 36.25 7.62 -7.46
N THR A 395 36.39 8.84 -6.95
CA THR A 395 35.96 10.02 -7.69
C THR A 395 36.78 10.15 -8.98
N ARG A 396 38.02 9.68 -8.94
CA ARG A 396 38.93 9.83 -10.08
C ARG A 396 38.82 8.67 -11.07
N GLN A 397 38.31 7.53 -10.63
CA GLN A 397 38.29 6.33 -11.48
C GLN A 397 37.01 6.23 -12.32
N ILE A 398 37.20 6.11 -13.63
CA ILE A 398 36.11 6.03 -14.59
C ILE A 398 35.41 4.67 -14.51
N ALA A 399 34.10 4.67 -14.75
CA ALA A 399 33.31 3.45 -14.84
C ALA A 399 33.06 3.09 -16.30
N GLY A 400 32.51 1.91 -16.55
CA GLY A 400 32.32 1.42 -17.89
C GLY A 400 30.99 1.80 -18.52
N ARG A 401 30.91 1.71 -19.84
CA ARG A 401 29.69 2.01 -20.57
C ARG A 401 28.73 0.82 -20.52
N VAL A 402 27.46 1.07 -20.23
CA VAL A 402 26.49 -0.01 -20.06
C VAL A 402 25.97 -0.50 -21.40
N ALA A 403 25.35 0.39 -22.18
CA ALA A 403 24.85 0.01 -23.49
C ALA A 403 26.02 -0.14 -24.46
N GLY A 404 25.74 -0.70 -25.64
CA GLY A 404 26.75 -0.83 -26.68
C GLY A 404 27.36 -2.22 -26.79
N GLY A 405 27.13 -3.04 -25.76
CA GLY A 405 27.55 -4.44 -25.81
C GLY A 405 29.03 -4.68 -25.54
N ARG A 406 29.36 -5.93 -25.25
CA ARG A 406 30.73 -6.38 -25.05
C ARG A 406 31.51 -5.50 -24.07
N ASN A 407 30.95 -5.32 -22.87
CA ASN A 407 31.64 -4.54 -21.85
C ASN A 407 31.36 -5.07 -20.44
N VAL A 408 31.05 -6.36 -20.35
CA VAL A 408 30.87 -7.02 -19.06
C VAL A 408 32.16 -7.72 -18.65
N PRO A 409 32.68 -7.43 -17.44
CA PRO A 409 33.94 -8.06 -17.02
C PRO A 409 33.84 -9.58 -16.92
N PRO A 410 34.89 -10.31 -17.35
CA PRO A 410 34.90 -11.77 -17.23
C PRO A 410 34.61 -12.27 -15.81
N ALA A 411 35.04 -11.50 -14.80
CA ALA A 411 34.87 -11.89 -13.41
C ALA A 411 33.39 -12.10 -13.07
N VAL A 412 32.54 -11.20 -13.54
CA VAL A 412 31.11 -11.27 -13.27
C VAL A 412 30.36 -11.79 -14.50
N GLN A 413 30.97 -12.74 -15.20
CA GLN A 413 30.36 -13.35 -16.38
C GLN A 413 29.13 -14.16 -16.02
N LYS A 414 29.32 -15.14 -15.13
CA LYS A 414 28.23 -16.04 -14.73
C LYS A 414 27.03 -15.29 -14.17
N VAL A 415 27.28 -14.17 -13.50
CA VAL A 415 26.21 -13.31 -13.00
C VAL A 415 25.36 -12.83 -14.18
N SER A 416 26.02 -12.46 -15.27
CA SER A 416 25.34 -11.97 -16.45
C SER A 416 24.54 -13.09 -17.11
N GLN A 417 25.05 -14.32 -17.01
CA GLN A 417 24.33 -15.47 -17.53
C GLN A 417 23.11 -15.76 -16.66
N ALA A 418 23.28 -15.63 -15.35
CA ALA A 418 22.19 -15.86 -14.41
C ALA A 418 21.06 -14.88 -14.68
N SER A 419 21.43 -13.66 -15.05
CA SER A 419 20.45 -12.62 -15.36
C SER A 419 19.58 -13.06 -16.54
N ILE A 420 20.17 -13.75 -17.52
CA ILE A 420 19.42 -14.28 -18.65
C ILE A 420 18.58 -15.47 -18.21
N ASP A 421 19.24 -16.45 -17.60
CA ASP A 421 18.57 -17.69 -17.21
C ASP A 421 17.32 -17.44 -16.37
N GLN A 422 17.42 -16.49 -15.45
CA GLN A 422 16.31 -16.19 -14.54
C GLN A 422 15.20 -15.42 -15.25
N SER A 423 15.55 -14.67 -16.29
CA SER A 423 14.54 -14.01 -17.12
C SER A 423 13.64 -15.06 -17.75
N ARG A 424 14.27 -16.09 -18.30
CA ARG A 424 13.56 -17.19 -18.94
C ARG A 424 12.75 -17.97 -17.92
N GLN A 425 13.34 -18.18 -16.76
CA GLN A 425 12.69 -18.91 -15.68
C GLN A 425 11.41 -18.18 -15.24
N MET A 426 11.43 -16.87 -15.31
CA MET A 426 10.28 -16.04 -14.93
C MET A 426 9.41 -15.70 -16.14
N LYS A 427 9.71 -16.29 -17.28
CA LYS A 427 8.85 -16.20 -18.47
C LYS A 427 8.70 -14.77 -18.99
N TYR A 428 9.80 -14.02 -19.07
CA TYR A 428 9.76 -12.69 -19.64
C TYR A 428 9.33 -12.71 -21.10
N GLN A 429 8.54 -11.71 -21.50
CA GLN A 429 8.25 -11.49 -22.91
C GLN A 429 9.48 -10.89 -23.58
N SER A 430 9.38 -10.64 -24.88
CA SER A 430 10.53 -10.22 -25.67
C SER A 430 10.87 -8.75 -25.49
N PHE A 431 12.05 -8.37 -25.96
CA PHE A 431 12.51 -6.99 -25.94
C PHE A 431 11.52 -6.08 -26.67
N ASN A 432 11.12 -6.49 -27.86
CA ASN A 432 10.19 -5.69 -28.66
C ASN A 432 8.84 -5.52 -27.97
N GLU A 433 8.45 -6.52 -27.18
CA GLU A 433 7.19 -6.45 -26.46
C GLU A 433 7.27 -5.43 -25.33
N TYR A 434 8.43 -5.32 -24.69
CA TYR A 434 8.63 -4.34 -23.64
C TYR A 434 8.82 -2.94 -24.22
N ARG A 435 9.35 -2.87 -25.44
CA ARG A 435 9.45 -1.61 -26.14
C ARG A 435 8.07 -1.02 -26.33
N LYS A 436 7.15 -1.82 -26.86
CA LYS A 436 5.78 -1.39 -27.08
C LYS A 436 5.09 -1.02 -25.76
N ARG A 437 5.41 -1.75 -24.71
CA ARG A 437 4.80 -1.50 -23.39
C ARG A 437 5.12 -0.10 -22.89
N PHE A 438 6.27 0.42 -23.28
CA PHE A 438 6.67 1.77 -22.86
C PHE A 438 6.66 2.74 -24.02
N MET A 439 5.71 2.53 -24.93
CA MET A 439 5.37 3.49 -25.98
C MET A 439 6.53 3.75 -26.93
N LEU A 440 7.34 2.72 -27.16
CA LEU A 440 8.43 2.80 -28.11
C LEU A 440 8.14 1.96 -29.34
N LYS A 441 8.55 2.48 -30.50
CA LYS A 441 8.41 1.75 -31.74
C LYS A 441 9.28 0.50 -31.68
N PRO A 442 8.72 -0.68 -32.01
CA PRO A 442 9.56 -1.87 -31.97
C PRO A 442 10.61 -1.89 -33.08
N TYR A 443 11.78 -2.45 -32.78
CA TYR A 443 12.85 -2.56 -33.77
C TYR A 443 12.46 -3.53 -34.86
N GLU A 444 12.74 -3.17 -36.11
CA GLU A 444 12.36 -3.99 -37.26
C GLU A 444 13.47 -4.93 -37.72
N SER A 445 14.69 -4.70 -37.24
CA SER A 445 15.83 -5.53 -37.62
C SER A 445 16.93 -5.50 -36.56
N PHE A 446 17.86 -6.45 -36.64
CA PHE A 446 18.99 -6.51 -35.72
C PHE A 446 19.93 -5.33 -35.94
N GLU A 447 20.15 -5.01 -37.21
CA GLU A 447 21.02 -3.89 -37.59
C GLU A 447 20.50 -2.59 -37.00
N GLU A 448 19.19 -2.46 -36.92
CA GLU A 448 18.55 -1.28 -36.36
C GLU A 448 18.74 -1.23 -34.84
N LEU A 449 18.80 -2.41 -34.22
CA LEU A 449 18.95 -2.50 -32.77
C LEU A 449 20.35 -2.05 -32.32
N THR A 450 21.38 -2.61 -32.95
CA THR A 450 22.77 -2.36 -32.52
C THR A 450 23.37 -1.12 -33.17
N GLY A 451 22.82 -0.70 -34.31
CA GLY A 451 23.38 0.41 -35.05
C GLY A 451 24.67 0.04 -35.75
N GLU A 452 24.96 -1.27 -35.79
CA GLU A 452 26.17 -1.77 -36.42
C GLU A 452 25.85 -3.13 -37.06
N LYS A 453 26.87 -3.81 -37.57
CA LYS A 453 26.67 -5.01 -38.38
C LYS A 453 27.30 -6.27 -37.78
N GLU A 454 28.25 -6.09 -36.87
CA GLU A 454 28.98 -7.21 -36.30
C GLU A 454 28.12 -7.98 -35.29
N MET A 455 27.71 -7.31 -34.21
CA MET A 455 26.90 -7.94 -33.18
C MET A 455 25.51 -8.30 -33.69
N SER A 456 25.00 -7.50 -34.62
CA SER A 456 23.67 -7.75 -35.18
C SER A 456 23.67 -9.04 -36.00
N ALA A 457 24.84 -9.41 -36.52
CA ALA A 457 24.98 -10.67 -37.25
C ALA A 457 24.99 -11.85 -36.29
N GLU A 458 25.60 -11.65 -35.13
CA GLU A 458 25.59 -12.65 -34.07
C GLU A 458 24.18 -12.85 -33.54
N LEU A 459 23.48 -11.74 -33.29
CA LEU A 459 22.10 -11.79 -32.83
C LEU A 459 21.22 -12.57 -33.79
N GLU A 460 21.35 -12.25 -35.08
CA GLU A 460 20.56 -12.92 -36.11
C GLU A 460 20.86 -14.41 -36.15
N ALA A 461 22.13 -14.76 -35.96
CA ALA A 461 22.55 -16.16 -35.95
C ALA A 461 22.02 -16.90 -34.74
N LEU A 462 21.79 -16.15 -33.66
CA LEU A 462 21.33 -16.74 -32.40
C LEU A 462 19.82 -16.84 -32.33
N TYR A 463 19.13 -15.73 -32.61
CA TYR A 463 17.69 -15.63 -32.38
C TYR A 463 16.84 -15.92 -33.61
N GLY A 464 17.28 -15.47 -34.77
CA GLY A 464 16.53 -15.64 -36.00
C GLY A 464 15.64 -14.45 -36.30
N ASP A 465 14.62 -14.26 -35.46
CA ASP A 465 13.68 -13.15 -35.62
C ASP A 465 14.01 -12.05 -34.62
N ILE A 466 13.83 -10.80 -35.05
CA ILE A 466 14.10 -9.66 -34.19
C ILE A 466 13.13 -9.63 -33.01
N ASP A 467 11.97 -10.28 -33.18
CA ASP A 467 10.94 -10.28 -32.15
C ASP A 467 11.16 -11.41 -31.13
N ALA A 468 12.23 -12.17 -31.31
CA ALA A 468 12.58 -13.24 -30.38
C ALA A 468 13.69 -12.82 -29.42
N VAL A 469 14.32 -11.68 -29.71
CA VAL A 469 15.41 -11.19 -28.88
C VAL A 469 14.91 -10.87 -27.48
N GLU A 470 15.69 -11.23 -26.47
CA GLU A 470 15.27 -11.12 -25.07
C GLU A 470 15.61 -9.74 -24.48
N LEU A 471 14.97 -9.44 -23.36
CA LEU A 471 15.03 -8.11 -22.76
C LEU A 471 16.43 -7.70 -22.32
N TYR A 472 17.05 -8.51 -21.45
CA TYR A 472 18.32 -8.14 -20.84
C TYR A 472 19.46 -8.10 -21.85
N PRO A 473 19.61 -9.14 -22.68
CA PRO A 473 20.65 -9.10 -23.71
C PRO A 473 20.54 -7.89 -24.62
N ALA A 474 19.33 -7.56 -25.03
CA ALA A 474 19.10 -6.47 -25.96
C ALA A 474 19.42 -5.13 -25.33
N LEU A 475 19.09 -4.98 -24.05
CA LEU A 475 19.33 -3.74 -23.34
C LEU A 475 20.81 -3.36 -23.32
N LEU A 476 21.68 -4.35 -23.17
CA LEU A 476 23.11 -4.10 -23.03
C LEU A 476 23.81 -3.90 -24.37
N VAL A 477 23.25 -4.43 -25.44
CA VAL A 477 23.85 -4.28 -26.77
C VAL A 477 23.11 -3.26 -27.62
N GLU A 478 22.03 -2.69 -27.09
CA GLU A 478 21.29 -1.67 -27.82
C GLU A 478 22.20 -0.50 -28.16
N LYS A 479 21.98 0.09 -29.32
CA LYS A 479 22.75 1.25 -29.77
C LYS A 479 22.66 2.38 -28.75
N PRO A 480 23.80 2.78 -28.18
CA PRO A 480 23.78 3.91 -27.23
C PRO A 480 23.29 5.20 -27.88
N ARG A 481 22.61 6.04 -27.10
CA ARG A 481 22.32 7.39 -27.56
C ARG A 481 23.66 8.10 -27.71
N PRO A 482 23.71 9.15 -28.56
CA PRO A 482 24.98 9.81 -28.88
C PRO A 482 25.80 10.19 -27.64
N ASP A 483 26.97 9.58 -27.51
CA ASP A 483 27.87 9.82 -26.37
C ASP A 483 27.19 9.58 -25.03
N ALA A 484 26.22 8.67 -25.01
CA ALA A 484 25.47 8.36 -23.79
C ALA A 484 25.92 7.05 -23.18
N ILE A 485 25.51 6.80 -21.95
CA ILE A 485 25.83 5.56 -21.24
C ILE A 485 24.78 4.49 -21.55
N PHE A 486 23.58 4.92 -21.89
CA PHE A 486 22.46 4.01 -22.19
C PHE A 486 21.93 4.20 -23.60
N GLY A 487 21.22 3.17 -24.08
CA GLY A 487 20.42 3.30 -25.28
C GLY A 487 19.02 3.73 -24.90
N GLU A 488 18.21 4.04 -25.89
CA GLU A 488 16.86 4.56 -25.69
C GLU A 488 16.02 3.73 -24.73
N THR A 489 16.03 2.41 -24.90
CA THR A 489 15.11 1.54 -24.17
C THR A 489 15.40 1.51 -22.67
N MET A 490 16.67 1.55 -22.29
CA MET A 490 17.03 1.56 -20.88
C MET A 490 16.45 2.79 -20.19
N VAL A 491 16.43 3.91 -20.91
CA VAL A 491 15.96 5.17 -20.35
C VAL A 491 14.44 5.20 -20.22
N GLU A 492 13.74 4.85 -21.29
CA GLU A 492 12.29 4.99 -21.34
C GLU A 492 11.58 3.93 -20.51
N VAL A 493 12.28 2.84 -20.21
CA VAL A 493 11.75 1.82 -19.30
C VAL A 493 12.21 2.12 -17.88
N GLY A 494 13.43 2.65 -17.75
CA GLY A 494 14.03 2.91 -16.46
C GLY A 494 13.48 4.12 -15.74
N ALA A 495 13.39 5.24 -16.43
CA ALA A 495 12.95 6.49 -15.82
C ALA A 495 11.58 6.38 -15.14
N PRO A 496 10.61 5.73 -15.80
CA PRO A 496 9.31 5.55 -15.14
C PRO A 496 9.41 4.76 -13.84
N PHE A 497 10.12 3.65 -13.86
CA PHE A 497 10.32 2.83 -12.66
C PHE A 497 11.02 3.62 -11.57
N SER A 498 12.06 4.38 -11.94
CA SER A 498 12.85 5.13 -10.98
C SER A 498 12.04 6.22 -10.32
N LEU A 499 11.40 7.06 -11.14
CA LEU A 499 10.73 8.25 -10.64
C LEU A 499 9.50 7.89 -9.80
N LYS A 500 8.74 6.91 -10.27
CA LYS A 500 7.60 6.40 -9.51
C LYS A 500 8.05 5.92 -8.14
N GLY A 501 9.10 5.10 -8.12
CA GLY A 501 9.61 4.55 -6.88
C GLY A 501 10.12 5.62 -5.92
N LEU A 502 10.60 6.72 -6.46
CA LEU A 502 11.15 7.80 -5.63
C LEU A 502 10.04 8.71 -5.10
N MET A 503 9.14 9.13 -5.98
CA MET A 503 8.08 10.06 -5.59
C MET A 503 6.90 9.33 -4.96
N GLY A 504 6.79 8.04 -5.22
CA GLY A 504 5.74 7.23 -4.64
C GLY A 504 6.08 6.78 -3.22
N ASN A 505 6.91 7.56 -2.54
CA ASN A 505 7.30 7.27 -1.17
C ASN A 505 6.41 8.02 -0.20
N VAL A 506 6.12 7.39 0.94
CA VAL A 506 5.19 7.94 1.91
C VAL A 506 5.58 9.35 2.38
N ILE A 507 6.88 9.62 2.47
CA ILE A 507 7.31 10.92 2.99
C ILE A 507 7.01 12.02 1.98
N CYS A 508 6.72 11.64 0.74
CA CYS A 508 6.41 12.61 -0.31
C CYS A 508 4.92 12.93 -0.35
N SER A 509 4.12 12.22 0.45
CA SER A 509 2.69 12.49 0.51
C SER A 509 2.44 13.71 1.40
N PRO A 510 1.39 14.49 1.10
CA PRO A 510 1.14 15.74 1.84
C PRO A 510 1.02 15.57 3.35
N ALA A 511 0.48 14.45 3.82
CA ALA A 511 0.32 14.24 5.25
C ALA A 511 1.69 14.17 5.95
N TYR A 512 2.69 13.66 5.24
CA TYR A 512 4.03 13.50 5.79
C TYR A 512 4.97 14.66 5.45
N TRP A 513 4.80 15.26 4.27
CA TRP A 513 5.75 16.25 3.80
C TRP A 513 5.52 17.62 4.43
N LYS A 514 6.01 17.78 5.64
CA LYS A 514 5.92 19.04 6.37
C LYS A 514 6.99 19.01 7.45
N PRO A 515 7.43 20.20 7.91
CA PRO A 515 8.60 20.27 8.80
C PRO A 515 8.49 19.48 10.11
N SER A 516 7.29 19.39 10.68
CA SER A 516 7.12 18.73 11.98
C SER A 516 7.42 17.23 11.91
N THR A 517 7.36 16.68 10.70
CA THR A 517 7.63 15.26 10.52
C THR A 517 9.09 14.95 10.82
N PHE A 518 9.96 15.92 10.59
CA PHE A 518 11.40 15.72 10.73
C PHE A 518 11.98 16.51 11.90
N GLY A 519 11.12 16.90 12.83
CA GLY A 519 11.57 17.52 14.07
C GLY A 519 11.85 19.00 13.95
N GLY A 520 11.15 19.69 13.05
CA GLY A 520 11.27 21.13 12.91
C GLY A 520 11.92 21.55 11.61
N GLU A 521 12.21 22.84 11.50
CA GLU A 521 12.79 23.40 10.28
C GLU A 521 14.22 22.96 10.06
N VAL A 522 14.98 22.81 11.15
CA VAL A 522 16.38 22.42 11.05
C VAL A 522 16.51 21.03 10.40
N GLY A 523 15.68 20.10 10.85
CA GLY A 523 15.72 18.74 10.33
C GLY A 523 15.21 18.70 8.89
N PHE A 524 14.12 19.41 8.65
CA PHE A 524 13.54 19.50 7.31
C PHE A 524 14.56 20.06 6.33
N GLN A 525 15.42 20.94 6.84
CA GLN A 525 16.43 21.61 6.02
C GLN A 525 17.52 20.65 5.58
N ILE A 526 17.82 19.64 6.39
CA ILE A 526 18.86 18.68 6.06
C ILE A 526 18.51 17.93 4.78
N ILE A 527 17.23 17.59 4.63
CA ILE A 527 16.76 16.91 3.42
C ILE A 527 16.92 17.82 2.21
N ASN A 528 16.30 19.00 2.28
CA ASN A 528 16.16 19.87 1.13
C ASN A 528 17.44 20.54 0.66
N THR A 529 18.53 20.37 1.42
CA THR A 529 19.83 20.89 1.03
C THR A 529 20.85 19.77 0.91
N ALA A 530 20.38 18.53 0.94
CA ALA A 530 21.25 17.36 0.83
C ALA A 530 21.82 17.24 -0.57
N SER A 531 23.00 16.64 -0.65
CA SER A 531 23.67 16.39 -1.92
C SER A 531 24.76 15.35 -1.70
N ILE A 532 25.22 14.71 -2.77
CA ILE A 532 26.25 13.69 -2.64
C ILE A 532 27.53 14.30 -2.06
N GLN A 533 27.80 15.55 -2.41
CA GLN A 533 29.00 16.24 -1.95
C GLN A 533 28.93 16.51 -0.46
N SER A 534 27.81 17.06 0.01
CA SER A 534 27.68 17.43 1.41
C SER A 534 27.54 16.20 2.30
N LEU A 535 27.03 15.10 1.73
CA LEU A 535 26.98 13.83 2.45
C LEU A 535 28.40 13.37 2.75
N ILE A 536 29.25 13.49 1.74
CA ILE A 536 30.66 13.16 1.87
C ILE A 536 31.37 14.19 2.74
N CYS A 537 31.04 15.46 2.52
CA CYS A 537 31.67 16.56 3.24
C CYS A 537 31.47 16.45 4.75
N ASN A 538 30.24 16.16 5.15
CA ASN A 538 29.88 16.12 6.57
C ASN A 538 30.39 14.87 7.28
N ASN A 539 30.66 13.81 6.52
CA ASN A 539 30.90 12.49 7.11
C ASN A 539 32.28 11.91 6.79
N VAL A 540 32.94 12.45 5.77
CA VAL A 540 34.30 12.03 5.44
C VAL A 540 35.32 13.05 5.94
N LYS A 541 36.33 12.54 6.63
CA LYS A 541 37.44 13.34 7.13
C LYS A 541 38.07 14.17 6.01
N GLY A 542 38.20 15.47 6.25
CA GLY A 542 38.85 16.37 5.32
C GLY A 542 37.92 17.02 4.31
N CYS A 543 36.70 16.49 4.19
CA CYS A 543 35.69 17.03 3.28
C CYS A 543 36.20 17.05 1.83
N PRO A 544 36.66 15.90 1.33
CA PRO A 544 37.19 15.86 -0.04
C PRO A 544 36.13 16.18 -1.09
N PHE A 545 36.57 16.63 -2.25
CA PHE A 545 35.67 16.84 -3.38
C PHE A 545 35.16 15.49 -3.86
N THR A 546 33.91 15.46 -4.32
CA THR A 546 33.37 14.26 -4.94
C THR A 546 32.20 14.60 -5.83
N SER A 547 31.93 13.71 -6.78
CA SER A 547 30.77 13.82 -7.65
C SER A 547 30.61 12.49 -8.35
N PHE A 548 29.58 12.37 -9.17
CA PHE A 548 29.30 11.10 -9.85
C PHE A 548 30.00 11.01 -11.20
N SER A 549 30.81 12.02 -11.53
CA SER A 549 31.62 11.97 -12.74
C SER A 549 33.07 12.32 -12.43
N VAL A 550 33.99 11.76 -13.22
CA VAL A 550 35.41 12.00 -13.02
C VAL A 550 35.75 13.43 -13.44
N PRO A 551 36.67 14.08 -12.71
CA PRO A 551 37.10 15.42 -13.18
C PRO A 551 37.86 15.36 -14.50
N ASN B 1 5.09 17.18 29.20
CA ASN B 1 4.91 17.37 27.76
C ASN B 1 3.84 18.44 27.49
N PRO B 2 4.22 19.56 26.85
CA PRO B 2 3.26 20.65 26.64
C PRO B 2 2.12 20.29 25.67
N CYS B 3 2.33 19.28 24.83
CA CYS B 3 1.34 18.89 23.84
C CYS B 3 0.18 18.11 24.46
N CYS B 4 0.30 17.80 25.76
CA CYS B 4 -0.77 17.11 26.48
C CYS B 4 -2.09 17.86 26.42
N SER B 5 -2.01 19.19 26.39
CA SER B 5 -3.21 20.02 26.33
C SER B 5 -3.84 20.00 24.94
N HIS B 6 -3.16 19.38 23.98
CA HIS B 6 -3.63 19.32 22.60
C HIS B 6 -3.90 20.72 22.08
N PRO B 7 -2.84 21.55 22.00
CA PRO B 7 -3.00 22.98 21.70
C PRO B 7 -3.23 23.27 20.22
N CYS B 8 -2.65 22.44 19.35
CA CYS B 8 -2.72 22.67 17.92
C CYS B 8 -4.08 22.30 17.34
N GLN B 9 -4.72 23.29 16.72
CA GLN B 9 -6.07 23.12 16.19
C GLN B 9 -6.06 22.87 14.68
N ASN B 10 -7.20 22.40 14.17
CA ASN B 10 -7.41 22.27 12.73
C ASN B 10 -6.34 21.43 12.03
N ARG B 11 -6.04 20.27 12.59
CA ARG B 11 -5.08 19.31 12.02
C ARG B 11 -3.64 19.77 12.10
N GLY B 12 -3.38 20.81 12.91
CA GLY B 12 -2.01 21.24 13.16
C GLY B 12 -1.26 20.17 13.92
N VAL B 13 0.05 20.06 13.66
CA VAL B 13 0.87 19.04 14.32
C VAL B 13 1.63 19.63 15.50
N CYS B 14 1.33 19.14 16.70
CA CYS B 14 1.97 19.61 17.91
C CYS B 14 3.32 18.93 18.10
N MET B 15 4.33 19.73 18.43
CA MET B 15 5.69 19.23 18.57
C MET B 15 6.41 19.97 19.68
N SER B 16 7.04 19.21 20.56
CA SER B 16 7.79 19.79 21.68
C SER B 16 9.05 20.48 21.19
N VAL B 17 9.23 21.72 21.60
CA VAL B 17 10.49 22.43 21.40
C VAL B 17 11.08 22.71 22.78
N GLY B 18 12.06 21.91 23.17
CA GLY B 18 12.62 22.00 24.51
C GLY B 18 11.71 21.33 25.52
N PHE B 19 11.93 21.63 26.80
CA PHE B 19 11.23 20.93 27.88
C PHE B 19 9.88 21.52 28.24
N ASP B 20 9.71 22.83 28.09
CA ASP B 20 8.47 23.50 28.47
C ASP B 20 7.95 24.46 27.38
N GLN B 21 8.27 24.16 26.13
CA GLN B 21 7.73 24.90 25.00
C GLN B 21 7.21 23.94 23.93
N TYR B 22 6.30 24.43 23.10
CA TYR B 22 5.79 23.63 21.98
C TYR B 22 5.65 24.48 20.73
N LYS B 23 5.34 23.83 19.61
CA LYS B 23 5.17 24.51 18.34
C LYS B 23 4.18 23.74 17.48
N CYS B 24 3.24 24.48 16.88
CA CYS B 24 2.26 23.88 15.98
C CYS B 24 2.69 24.05 14.53
N ASP B 25 2.61 22.95 13.78
CA ASP B 25 2.89 22.97 12.35
C ASP B 25 1.57 23.15 11.60
N CYS B 26 1.33 24.37 11.16
CA CYS B 26 0.06 24.72 10.52
C CYS B 26 0.07 24.47 9.02
N THR B 27 1.03 23.67 8.55
CA THR B 27 1.21 23.42 7.12
C THR B 27 -0.06 22.88 6.46
N ARG B 28 -0.58 23.64 5.51
CA ARG B 28 -1.72 23.24 4.68
C ARG B 28 -2.97 22.89 5.48
N THR B 29 -3.10 23.49 6.66
CA THR B 29 -4.29 23.30 7.48
C THR B 29 -5.39 24.26 7.04
N GLY B 30 -5.00 25.36 6.42
CA GLY B 30 -5.93 26.44 6.09
C GLY B 30 -5.92 27.49 7.17
N PHE B 31 -5.09 27.30 8.19
CA PHE B 31 -4.98 28.20 9.31
C PHE B 31 -3.54 28.58 9.58
N TYR B 32 -3.34 29.67 10.31
CA TYR B 32 -2.03 30.06 10.81
C TYR B 32 -2.19 30.55 12.25
N GLY B 33 -1.09 30.94 12.87
CA GLY B 33 -1.08 31.35 14.26
C GLY B 33 -0.37 30.32 15.12
N GLU B 34 -0.19 30.64 16.39
CA GLU B 34 0.50 29.75 17.32
C GLU B 34 -0.22 28.41 17.45
N ASN B 35 -1.56 28.47 17.46
CA ASN B 35 -2.38 27.28 17.65
C ASN B 35 -3.10 26.85 16.37
N CYS B 36 -2.67 27.40 15.24
CA CYS B 36 -3.29 27.10 13.95
C CYS B 36 -4.79 27.37 14.02
N SER B 37 -5.17 28.44 14.70
CA SER B 37 -6.57 28.74 14.95
C SER B 37 -7.10 29.90 14.10
N THR B 38 -6.21 30.75 13.61
CA THR B 38 -6.62 31.86 12.75
C THR B 38 -6.84 31.41 11.32
N PRO B 39 -8.08 31.53 10.81
CA PRO B 39 -8.39 31.07 9.44
C PRO B 39 -7.83 31.96 8.34
N GLU B 40 -7.32 31.35 7.28
CA GLU B 40 -6.88 32.07 6.09
C GLU B 40 -8.10 32.55 5.32
N PHE B 41 -7.90 33.49 4.39
CA PHE B 41 -9.00 34.13 3.69
C PHE B 41 -9.92 33.16 2.95
N LEU B 42 -9.32 32.22 2.22
CA LEU B 42 -10.11 31.25 1.47
C LEU B 42 -10.83 30.33 2.46
N THR B 43 -10.17 30.07 3.59
CA THR B 43 -10.77 29.25 4.65
C THR B 43 -11.97 29.95 5.26
N ARG B 44 -11.88 31.28 5.41
CA ARG B 44 -12.98 32.08 5.94
C ARG B 44 -14.23 31.88 5.10
N ILE B 45 -14.07 31.92 3.78
CA ILE B 45 -15.19 31.78 2.86
C ILE B 45 -15.78 30.38 2.95
N LYS B 46 -14.92 29.37 2.86
CA LYS B 46 -15.36 27.99 2.98
C LYS B 46 -16.13 27.75 4.28
N LEU B 47 -15.54 28.21 5.38
CA LEU B 47 -16.14 28.02 6.71
C LEU B 47 -17.54 28.60 6.81
N PHE B 48 -17.78 29.73 6.17
CA PHE B 48 -19.05 30.44 6.30
C PHE B 48 -20.11 29.97 5.31
N LEU B 49 -19.70 29.17 4.33
CA LEU B 49 -20.62 28.66 3.32
C LEU B 49 -20.97 27.19 3.55
N LYS B 50 -20.17 26.50 4.35
CA LYS B 50 -20.43 25.10 4.66
C LYS B 50 -21.63 24.97 5.60
N PRO B 51 -22.67 24.22 5.17
CA PRO B 51 -23.82 23.98 6.05
C PRO B 51 -23.54 22.89 7.09
N THR B 52 -24.19 22.95 8.24
CA THR B 52 -23.98 21.95 9.29
C THR B 52 -24.37 20.55 8.80
N PRO B 53 -23.73 19.51 9.33
CA PRO B 53 -24.05 18.15 8.89
C PRO B 53 -25.52 17.81 9.09
N ASN B 54 -26.11 18.27 10.19
CA ASN B 54 -27.51 18.02 10.47
C ASN B 54 -28.41 18.73 9.46
N THR B 55 -27.94 19.88 8.96
CA THR B 55 -28.63 20.55 7.85
C THR B 55 -28.57 19.64 6.63
N VAL B 56 -27.38 19.15 6.32
CA VAL B 56 -27.17 18.27 5.17
C VAL B 56 -27.98 16.99 5.30
N HIS B 57 -27.99 16.40 6.49
CA HIS B 57 -28.74 15.17 6.71
C HIS B 57 -30.23 15.42 6.55
N TYR B 58 -30.69 16.58 6.98
CA TYR B 58 -32.09 16.95 6.84
C TYR B 58 -32.46 17.01 5.37
N ILE B 59 -31.62 17.69 4.59
CA ILE B 59 -31.84 17.86 3.16
C ILE B 59 -31.80 16.53 2.43
N LEU B 60 -30.99 15.60 2.93
CA LEU B 60 -30.83 14.31 2.28
C LEU B 60 -31.95 13.34 2.65
N THR B 61 -32.57 13.56 3.81
CA THR B 61 -33.63 12.68 4.30
C THR B 61 -35.01 13.31 4.13
N HIS B 62 -35.04 14.44 3.42
CA HIS B 62 -36.30 15.10 3.06
C HIS B 62 -36.32 15.36 1.56
N PHE B 63 -37.42 15.92 1.07
CA PHE B 63 -37.56 16.24 -0.35
C PHE B 63 -37.49 14.99 -1.22
N LYS B 64 -38.25 13.97 -0.85
CA LYS B 64 -38.20 12.66 -1.50
C LYS B 64 -38.41 12.72 -3.01
N GLY B 65 -39.41 13.47 -3.44
CA GLY B 65 -39.76 13.56 -4.85
C GLY B 65 -38.64 14.15 -5.68
N PHE B 66 -37.87 15.05 -5.08
CA PHE B 66 -36.77 15.71 -5.76
C PHE B 66 -35.60 14.76 -5.98
N TRP B 67 -35.36 13.88 -5.01
CA TRP B 67 -34.26 12.94 -5.09
C TRP B 67 -34.53 11.83 -6.11
N ASN B 68 -35.79 11.40 -6.20
CA ASN B 68 -36.18 10.39 -7.18
C ASN B 68 -35.91 10.88 -8.60
N VAL B 69 -35.93 12.20 -8.78
CA VAL B 69 -35.61 12.80 -10.07
C VAL B 69 -34.10 12.84 -10.25
N VAL B 70 -33.40 13.29 -9.21
CA VAL B 70 -31.94 13.31 -9.22
C VAL B 70 -31.40 11.91 -9.51
N ASN B 71 -31.97 10.91 -8.84
CA ASN B 71 -31.53 9.53 -9.00
C ASN B 71 -31.61 9.06 -10.45
N ASN B 72 -32.57 9.57 -11.20
CA ASN B 72 -32.78 9.16 -12.58
C ASN B 72 -32.13 10.10 -13.60
N ILE B 73 -31.21 10.92 -13.11
CA ILE B 73 -30.38 11.75 -13.98
C ILE B 73 -28.91 11.37 -13.74
N PRO B 74 -28.40 10.39 -14.50
CA PRO B 74 -27.02 9.90 -14.37
C PRO B 74 -26.00 11.03 -14.18
N PHE B 75 -26.16 12.11 -14.93
CA PHE B 75 -25.27 13.26 -14.80
C PHE B 75 -25.25 13.82 -13.38
N LEU B 76 -26.44 13.93 -12.78
CA LEU B 76 -26.55 14.52 -11.45
C LEU B 76 -26.20 13.54 -10.33
N ARG B 77 -26.77 12.34 -10.40
CA ARG B 77 -26.48 11.30 -9.41
C ARG B 77 -24.97 11.05 -9.32
N ASN B 78 -24.32 11.00 -10.47
CA ASN B 78 -22.87 10.81 -10.52
C ASN B 78 -22.12 11.95 -9.86
N ALA B 79 -22.45 13.17 -10.24
CA ALA B 79 -21.82 14.36 -9.69
C ALA B 79 -21.91 14.37 -8.17
N ILE B 80 -23.12 14.18 -7.66
CA ILE B 80 -23.36 14.14 -6.23
C ILE B 80 -22.55 13.04 -5.57
N MET B 81 -22.74 11.79 -6.02
CA MET B 81 -22.06 10.65 -5.42
C MET B 81 -20.54 10.82 -5.43
N SER B 82 -20.02 11.47 -6.47
CA SER B 82 -18.58 11.70 -6.58
C SER B 82 -18.09 12.62 -5.47
N TYR B 83 -18.81 13.72 -5.26
CA TYR B 83 -18.45 14.69 -4.22
C TYR B 83 -18.53 14.05 -2.83
N VAL B 84 -19.56 13.23 -2.62
CA VAL B 84 -19.72 12.51 -1.35
C VAL B 84 -18.45 11.71 -1.06
N LEU B 85 -17.98 10.95 -2.04
CA LEU B 85 -16.82 10.09 -1.86
C LEU B 85 -15.55 10.90 -1.59
N THR B 86 -15.29 11.89 -2.44
CA THR B 86 -14.06 12.68 -2.33
C THR B 86 -14.03 13.51 -1.06
N SER B 87 -15.15 14.17 -0.74
CA SER B 87 -15.21 15.04 0.43
C SER B 87 -15.00 14.26 1.73
N ARG B 88 -15.68 13.12 1.86
CA ARG B 88 -15.61 12.34 3.09
C ARG B 88 -14.27 11.62 3.24
N SER B 89 -13.62 11.33 2.11
CA SER B 89 -12.36 10.58 2.13
C SER B 89 -11.15 11.48 2.40
N HIS B 90 -11.33 12.79 2.24
CA HIS B 90 -10.26 13.74 2.51
C HIS B 90 -10.02 13.90 4.01
N LEU B 91 -10.84 13.25 4.82
CA LEU B 91 -10.71 13.31 6.27
C LEU B 91 -9.80 12.20 6.81
N ILE B 92 -9.47 11.24 5.95
CA ILE B 92 -8.59 10.13 6.31
C ILE B 92 -7.22 10.31 5.66
N ASP B 93 -6.18 10.33 6.49
CA ASP B 93 -4.82 10.37 5.98
C ASP B 93 -4.50 9.07 5.26
N SER B 94 -3.92 9.18 4.07
CA SER B 94 -3.61 8.02 3.26
C SER B 94 -2.43 8.31 2.35
N PRO B 95 -1.31 7.57 2.49
CA PRO B 95 -1.01 6.50 3.45
C PRO B 95 -1.15 6.95 4.91
N PRO B 96 -1.30 5.97 5.83
CA PRO B 96 -1.65 6.25 7.23
C PRO B 96 -0.49 6.83 8.03
N THR B 97 -0.78 7.34 9.22
CA THR B 97 0.21 8.03 10.03
C THR B 97 0.47 7.34 11.38
N TYR B 98 -0.32 7.70 12.38
CA TYR B 98 -0.05 7.28 13.76
C TYR B 98 -0.59 5.90 14.10
N ASN B 99 -0.04 5.30 15.16
CA ASN B 99 -0.62 4.13 15.78
C ASN B 99 -0.46 4.23 17.30
N ALA B 100 -0.81 3.17 18.02
CA ALA B 100 -0.87 3.21 19.48
C ALA B 100 0.46 3.58 20.14
N ASP B 101 1.57 3.27 19.48
CA ASP B 101 2.89 3.47 20.08
C ASP B 101 3.60 4.73 19.57
N TYR B 102 3.03 5.37 18.56
CA TYR B 102 3.67 6.55 17.96
C TYR B 102 2.68 7.70 17.77
N GLY B 103 2.84 8.74 18.57
CA GLY B 103 2.09 9.97 18.41
C GLY B 103 2.83 10.97 17.56
N TYR B 104 3.88 10.50 16.87
CA TYR B 104 4.59 11.28 15.87
C TYR B 104 4.81 10.42 14.63
N LYS B 105 5.00 11.06 13.49
CA LYS B 105 5.31 10.32 12.26
C LYS B 105 6.61 9.54 12.43
N SER B 106 6.57 8.27 12.06
CA SER B 106 7.74 7.40 12.12
C SER B 106 7.59 6.28 11.11
N TRP B 107 8.71 5.69 10.70
CA TRP B 107 8.66 4.63 9.70
C TRP B 107 8.07 3.35 10.29
N GLU B 108 8.26 3.16 11.58
CA GLU B 108 7.72 1.98 12.25
C GLU B 108 6.21 2.02 12.22
N ALA B 109 5.65 3.21 12.38
CA ALA B 109 4.20 3.37 12.40
C ALA B 109 3.59 3.14 11.03
N PHE B 110 4.24 3.65 9.99
CA PHE B 110 3.75 3.49 8.63
C PHE B 110 3.88 2.06 8.12
N SER B 111 5.07 1.50 8.25
CA SER B 111 5.44 0.28 7.53
C SER B 111 4.90 -0.99 8.18
N ASN B 112 4.60 -0.92 9.46
CA ASN B 112 4.22 -2.10 10.22
C ASN B 112 2.72 -2.40 10.14
N LEU B 113 2.37 -3.33 9.26
CA LEU B 113 0.97 -3.65 8.97
C LEU B 113 0.24 -4.39 10.11
N SER B 114 0.95 -4.72 11.17
CA SER B 114 0.35 -5.45 12.29
C SER B 114 -0.41 -4.51 13.24
N TYR B 115 -0.13 -3.22 13.16
CA TYR B 115 -0.83 -2.23 13.96
C TYR B 115 -2.13 -1.78 13.30
N TYR B 116 -3.16 -1.53 14.10
CA TYR B 116 -4.23 -0.63 13.69
C TYR B 116 -3.60 0.75 13.56
N THR B 117 -4.04 1.54 12.58
CA THR B 117 -3.56 2.92 12.49
C THR B 117 -4.43 3.79 13.38
N ARG B 118 -4.16 5.09 13.39
CA ARG B 118 -4.87 6.00 14.28
C ARG B 118 -5.17 7.33 13.60
N ALA B 119 -6.43 7.73 13.66
CA ALA B 119 -6.85 9.02 13.12
C ALA B 119 -6.36 10.15 14.01
N LEU B 120 -6.40 9.91 15.32
CA LEU B 120 -5.77 10.80 16.29
C LEU B 120 -4.65 10.07 17.02
N PRO B 121 -3.52 10.75 17.26
CA PRO B 121 -2.41 10.09 17.94
C PRO B 121 -2.72 9.79 19.40
N PRO B 122 -2.00 8.82 19.99
CA PRO B 122 -2.20 8.46 21.39
C PRO B 122 -1.81 9.60 22.33
N VAL B 123 -2.56 9.76 23.42
CA VAL B 123 -2.20 10.74 24.44
C VAL B 123 -0.81 10.41 24.96
N PRO B 124 0.06 11.42 25.08
CA PRO B 124 1.42 11.15 25.59
C PRO B 124 1.41 10.46 26.95
N ASP B 125 2.54 9.88 27.33
CA ASP B 125 2.59 8.99 28.48
C ASP B 125 2.59 9.72 29.82
N ASP B 126 3.30 10.85 29.88
CA ASP B 126 3.54 11.55 31.13
C ASP B 126 2.54 12.66 31.39
N CYS B 127 1.37 12.59 30.76
CA CYS B 127 0.41 13.68 30.83
C CYS B 127 -0.26 13.79 32.21
N PRO B 128 -0.75 15.00 32.54
CA PRO B 128 -1.48 15.25 33.79
C PRO B 128 -2.63 14.26 34.01
N THR B 129 -3.57 14.24 33.07
CA THR B 129 -4.68 13.29 33.11
C THR B 129 -4.52 12.29 31.98
N PRO B 130 -5.17 11.12 32.09
CA PRO B 130 -5.09 10.09 31.05
C PRO B 130 -5.46 10.60 29.65
N LEU B 131 -6.42 11.52 29.56
CA LEU B 131 -6.83 12.08 28.28
C LEU B 131 -5.95 13.23 27.84
N GLY B 132 -5.16 13.76 28.78
CA GLY B 132 -4.33 14.91 28.52
C GLY B 132 -4.26 15.77 29.77
N VAL B 133 -5.14 16.77 29.84
CA VAL B 133 -5.20 17.66 31.00
C VAL B 133 -6.59 17.69 31.62
N LYS B 134 -7.62 17.48 30.82
CA LYS B 134 -8.99 17.53 31.30
C LYS B 134 -9.37 16.25 32.04
N GLY B 135 -10.37 16.35 32.91
CA GLY B 135 -10.85 15.21 33.67
C GLY B 135 -10.09 15.03 34.97
N LYS B 136 -10.51 14.05 35.77
CA LYS B 136 -9.86 13.75 37.03
C LYS B 136 -8.55 13.02 36.80
N LYS B 137 -7.78 12.82 37.88
CA LYS B 137 -6.52 12.11 37.79
C LYS B 137 -6.74 10.68 37.29
N GLN B 138 -7.90 10.13 37.62
CA GLN B 138 -8.27 8.78 37.23
C GLN B 138 -9.63 8.79 36.53
N LEU B 139 -9.73 8.06 35.42
CA LEU B 139 -10.99 7.97 34.71
C LEU B 139 -12.01 7.18 35.52
N PRO B 140 -13.30 7.47 35.32
CA PRO B 140 -14.36 6.78 36.08
C PRO B 140 -14.34 5.26 35.88
N ASP B 141 -15.04 4.54 36.75
CA ASP B 141 -15.05 3.08 36.72
C ASP B 141 -15.74 2.56 35.47
N SER B 142 -15.07 1.65 34.76
CA SER B 142 -15.58 1.10 33.52
C SER B 142 -16.98 0.49 33.68
N ASN B 143 -17.10 -0.49 34.57
CA ASN B 143 -18.37 -1.16 34.81
C ASN B 143 -19.46 -0.18 35.21
N GLU B 144 -19.11 0.83 35.99
CA GLU B 144 -20.06 1.83 36.44
C GLU B 144 -20.63 2.63 35.26
N ILE B 145 -19.79 2.93 34.28
CA ILE B 145 -20.25 3.57 33.05
C ILE B 145 -21.24 2.65 32.36
N VAL B 146 -20.87 1.39 32.22
CA VAL B 146 -21.68 0.39 31.54
C VAL B 146 -23.07 0.29 32.15
N GLU B 147 -23.13 0.22 33.47
CA GLU B 147 -24.40 0.00 34.17
C GLU B 147 -25.29 1.23 34.15
N LYS B 148 -24.72 2.38 34.51
CA LYS B 148 -25.50 3.61 34.63
C LYS B 148 -25.88 4.25 33.29
N LEU B 149 -25.19 3.88 32.22
CA LEU B 149 -25.35 4.56 30.93
C LEU B 149 -25.64 3.66 29.72
N LEU B 150 -25.03 2.48 29.68
CA LEU B 150 -25.05 1.68 28.46
C LEU B 150 -25.96 0.45 28.56
N LEU B 151 -26.15 -0.05 29.78
CA LEU B 151 -26.85 -1.31 29.98
C LEU B 151 -28.36 -1.16 29.76
N ARG B 152 -28.91 -2.03 28.92
CA ARG B 152 -30.32 -2.04 28.60
C ARG B 152 -31.19 -2.39 29.81
N ARG B 153 -32.29 -1.65 29.95
CA ARG B 153 -33.28 -1.92 31.02
C ARG B 153 -34.61 -2.31 30.38
N LYS B 154 -34.78 -1.92 29.12
CA LYS B 154 -35.94 -2.29 28.32
C LYS B 154 -35.55 -2.10 26.86
N PHE B 155 -35.74 -3.14 26.05
CA PHE B 155 -35.27 -3.14 24.67
C PHE B 155 -35.83 -1.96 23.87
N ILE B 156 -34.92 -1.21 23.26
CA ILE B 156 -35.29 -0.07 22.43
C ILE B 156 -35.02 -0.40 20.96
N PRO B 157 -36.09 -0.52 20.15
CA PRO B 157 -35.93 -0.89 18.73
C PRO B 157 -35.40 0.25 17.87
N ASP B 158 -34.69 -0.09 16.80
CA ASP B 158 -34.20 0.90 15.85
C ASP B 158 -35.37 1.57 15.12
N PRO B 159 -35.44 2.92 15.15
CA PRO B 159 -36.47 3.63 14.40
C PRO B 159 -36.45 3.33 12.89
N GLN B 160 -35.26 3.23 12.31
CA GLN B 160 -35.13 2.95 10.88
C GLN B 160 -35.49 1.50 10.56
N GLY B 161 -35.78 0.72 11.59
CA GLY B 161 -36.32 -0.61 11.41
C GLY B 161 -35.32 -1.66 10.98
N SER B 162 -34.05 -1.49 11.36
CA SER B 162 -33.01 -2.45 11.01
C SER B 162 -33.33 -3.81 11.60
N ASN B 163 -32.99 -4.88 10.88
CA ASN B 163 -33.29 -6.24 11.33
C ASN B 163 -32.04 -7.08 11.58
N MET B 164 -32.24 -8.33 11.97
CA MET B 164 -31.13 -9.22 12.28
C MET B 164 -30.34 -9.57 11.02
N MET B 165 -30.99 -9.48 9.86
CA MET B 165 -30.28 -9.62 8.60
C MET B 165 -29.19 -8.56 8.53
N PHE B 166 -29.57 -7.33 8.85
CA PHE B 166 -28.63 -6.22 8.85
C PHE B 166 -27.57 -6.40 9.94
N ALA B 167 -28.01 -6.80 11.13
CA ALA B 167 -27.13 -6.88 12.30
C ALA B 167 -26.02 -7.90 12.08
N PHE B 168 -26.39 -9.08 11.59
CA PHE B 168 -25.41 -10.14 11.35
C PHE B 168 -24.57 -9.85 10.12
N PHE B 169 -25.11 -9.08 9.18
CA PHE B 169 -24.33 -8.69 8.03
C PHE B 169 -23.20 -7.77 8.48
N ALA B 170 -23.52 -6.82 9.35
CA ALA B 170 -22.54 -5.89 9.89
C ALA B 170 -21.45 -6.66 10.64
N GLN B 171 -21.87 -7.63 11.44
CA GLN B 171 -20.91 -8.42 12.20
C GLN B 171 -20.03 -9.23 11.27
N HIS B 172 -20.67 -9.97 10.36
CA HIS B 172 -19.96 -10.80 9.39
C HIS B 172 -19.04 -9.98 8.49
N PHE B 173 -19.57 -8.88 7.95
CA PHE B 173 -18.82 -8.06 7.00
C PHE B 173 -17.59 -7.41 7.63
N THR B 174 -17.78 -6.77 8.77
CA THR B 174 -16.72 -5.98 9.38
C THR B 174 -15.65 -6.84 10.03
N HIS B 175 -15.95 -8.11 10.23
CA HIS B 175 -15.02 -9.00 10.93
C HIS B 175 -13.93 -9.53 10.01
N GLN B 176 -13.85 -9.01 8.79
CA GLN B 176 -12.76 -9.35 7.90
C GLN B 176 -11.62 -8.35 8.03
N PHE B 177 -11.93 -7.15 8.54
CA PHE B 177 -10.90 -6.15 8.77
C PHE B 177 -10.86 -5.65 10.22
N PHE B 178 -11.77 -6.14 11.06
CA PHE B 178 -11.64 -5.99 12.51
C PHE B 178 -11.29 -7.35 13.11
N LYS B 179 -9.99 -7.64 13.16
CA LYS B 179 -9.51 -8.90 13.73
C LYS B 179 -8.46 -8.60 14.78
N THR B 180 -8.89 -7.94 15.85
CA THR B 180 -8.01 -7.58 16.96
C THR B 180 -7.21 -8.80 17.44
N ASP B 181 -5.89 -8.66 17.46
CA ASP B 181 -5.00 -9.74 17.90
C ASP B 181 -4.78 -9.66 19.40
N HIS B 182 -5.67 -10.28 20.17
CA HIS B 182 -5.65 -10.14 21.62
C HIS B 182 -4.47 -10.87 22.27
N LYS B 183 -3.77 -11.68 21.49
CA LYS B 183 -2.54 -12.31 21.96
C LYS B 183 -1.43 -11.28 22.12
N ARG B 184 -1.62 -10.10 21.54
CA ARG B 184 -0.63 -9.03 21.57
C ARG B 184 -1.19 -7.79 22.25
N GLY B 185 -2.46 -7.51 22.01
CA GLY B 185 -3.13 -6.36 22.59
C GLY B 185 -4.09 -5.71 21.62
N PRO B 186 -5.00 -4.87 22.13
CA PRO B 186 -6.05 -4.23 21.34
C PRO B 186 -5.52 -3.34 20.21
N ALA B 187 -4.23 -3.05 20.20
CA ALA B 187 -3.64 -2.14 19.22
C ALA B 187 -3.18 -2.87 17.95
N PHE B 188 -3.27 -4.20 17.95
CA PHE B 188 -2.77 -5.02 16.85
C PHE B 188 -3.89 -5.77 16.13
N THR B 189 -3.65 -6.09 14.85
CA THR B 189 -4.64 -6.77 14.02
C THR B 189 -4.04 -7.94 13.25
N ASN B 190 -4.89 -8.93 12.95
CA ASN B 190 -4.50 -10.09 12.15
C ASN B 190 -4.87 -9.96 10.69
N GLY B 191 -5.73 -9.00 10.37
CA GLY B 191 -6.14 -8.75 9.00
C GLY B 191 -5.16 -7.83 8.31
N LEU B 192 -4.05 -8.39 7.84
CA LEU B 192 -2.96 -7.61 7.27
C LEU B 192 -3.31 -7.05 5.89
N GLY B 193 -4.45 -7.48 5.35
CA GLY B 193 -4.92 -6.95 4.08
C GLY B 193 -5.58 -5.60 4.28
N HIS B 194 -5.94 -5.29 5.52
CA HIS B 194 -6.47 -3.98 5.90
C HIS B 194 -7.56 -3.47 4.95
N GLY B 195 -8.65 -4.22 4.85
CA GLY B 195 -9.76 -3.82 4.01
C GLY B 195 -10.62 -5.01 3.60
N VAL B 196 -11.32 -4.84 2.48
CA VAL B 196 -12.25 -5.85 1.99
C VAL B 196 -11.54 -6.82 1.04
N ASP B 197 -10.86 -7.80 1.61
CA ASP B 197 -10.20 -8.85 0.82
C ASP B 197 -10.91 -10.20 0.95
N LEU B 198 -11.99 -10.21 1.73
CA LEU B 198 -12.80 -11.42 1.94
C LEU B 198 -11.99 -12.57 2.55
N ASN B 199 -11.01 -12.24 3.38
CA ASN B 199 -10.26 -13.29 4.07
C ASN B 199 -11.15 -14.08 5.02
N HIS B 200 -12.29 -13.49 5.40
CA HIS B 200 -13.24 -14.17 6.25
C HIS B 200 -14.03 -15.23 5.46
N ILE B 201 -13.71 -15.37 4.18
CA ILE B 201 -14.23 -16.45 3.35
C ILE B 201 -13.11 -17.37 2.91
N TYR B 202 -12.04 -16.78 2.39
CA TYR B 202 -10.96 -17.55 1.77
C TYR B 202 -9.80 -17.85 2.72
N GLY B 203 -9.80 -17.21 3.87
CA GLY B 203 -8.72 -17.39 4.84
C GLY B 203 -7.65 -16.33 4.65
N GLU B 204 -7.03 -15.92 5.76
CA GLU B 204 -6.05 -14.85 5.75
C GLU B 204 -4.76 -15.28 5.04
N THR B 205 -4.36 -16.53 5.22
CA THR B 205 -3.09 -17.02 4.70
C THR B 205 -3.32 -18.04 3.60
N LEU B 206 -2.32 -18.23 2.75
CA LEU B 206 -2.42 -19.19 1.67
C LEU B 206 -2.61 -20.59 2.25
N ALA B 207 -1.95 -20.84 3.38
CA ALA B 207 -2.07 -22.12 4.06
C ALA B 207 -3.53 -22.45 4.36
N ARG B 208 -4.24 -21.50 4.95
CA ARG B 208 -5.64 -21.72 5.30
C ARG B 208 -6.51 -21.82 4.06
N GLN B 209 -6.22 -20.99 3.06
CA GLN B 209 -6.98 -21.00 1.81
C GLN B 209 -6.89 -22.38 1.15
N ARG B 210 -5.71 -22.98 1.19
CA ARG B 210 -5.48 -24.25 0.53
C ARG B 210 -6.24 -25.37 1.21
N LYS B 211 -6.53 -25.20 2.49
CA LYS B 211 -7.29 -26.18 3.23
C LYS B 211 -8.79 -26.08 2.92
N LEU B 212 -9.26 -24.88 2.61
CA LEU B 212 -10.68 -24.65 2.33
C LEU B 212 -11.05 -24.90 0.87
N ARG B 213 -10.07 -24.81 -0.02
CA ARG B 213 -10.34 -24.96 -1.45
C ARG B 213 -10.49 -26.42 -1.86
N LEU B 214 -11.18 -26.63 -2.98
CA LEU B 214 -11.43 -27.97 -3.50
C LEU B 214 -10.43 -28.30 -4.60
N PHE B 215 -9.90 -27.27 -5.24
CA PHE B 215 -8.97 -27.42 -6.36
C PHE B 215 -9.63 -28.19 -7.50
N LYS B 216 -10.95 -28.02 -7.61
CA LYS B 216 -11.71 -28.48 -8.75
C LYS B 216 -12.65 -27.36 -9.15
N ASP B 217 -12.53 -26.88 -10.39
CA ASP B 217 -13.38 -25.82 -10.91
C ASP B 217 -13.31 -24.55 -10.06
N GLY B 218 -12.20 -24.36 -9.38
CA GLY B 218 -11.96 -23.16 -8.58
C GLY B 218 -12.88 -23.04 -7.37
N LYS B 219 -13.51 -24.13 -6.99
CA LYS B 219 -14.52 -24.10 -5.93
C LYS B 219 -13.94 -24.25 -4.54
N MET B 220 -14.76 -23.94 -3.55
CA MET B 220 -14.43 -24.14 -2.15
C MET B 220 -15.06 -25.45 -1.68
N LYS B 221 -14.37 -26.17 -0.79
CA LYS B 221 -14.93 -27.40 -0.22
C LYS B 221 -16.28 -27.12 0.42
N TYR B 222 -17.12 -28.14 0.54
CA TYR B 222 -18.45 -27.98 1.11
C TYR B 222 -19.09 -29.33 1.37
N GLN B 223 -20.14 -29.32 2.20
CA GLN B 223 -20.96 -30.50 2.43
C GLN B 223 -22.31 -30.32 1.76
N ILE B 224 -22.98 -31.43 1.48
CA ILE B 224 -24.41 -31.39 1.20
C ILE B 224 -25.11 -32.03 2.39
N ILE B 225 -25.94 -31.24 3.07
CA ILE B 225 -26.72 -31.71 4.20
C ILE B 225 -28.17 -31.34 3.95
N ASP B 226 -29.04 -32.35 4.02
CA ASP B 226 -30.45 -32.15 3.71
C ASP B 226 -30.61 -31.58 2.29
N GLY B 227 -29.72 -31.99 1.40
CA GLY B 227 -29.78 -31.59 0.00
C GLY B 227 -29.35 -30.16 -0.26
N GLU B 228 -28.78 -29.50 0.73
CA GLU B 228 -28.32 -28.12 0.58
C GLU B 228 -26.84 -27.97 0.95
N MET B 229 -26.19 -26.97 0.34
CA MET B 229 -24.75 -26.78 0.50
C MET B 229 -24.39 -26.05 1.78
N TYR B 230 -23.52 -26.66 2.57
CA TYR B 230 -23.00 -26.06 3.79
C TYR B 230 -21.49 -26.09 3.76
N PRO B 231 -20.84 -25.24 4.58
CA PRO B 231 -19.38 -25.26 4.63
C PRO B 231 -18.84 -26.60 5.10
N PRO B 232 -17.59 -26.92 4.76
CA PRO B 232 -16.99 -28.19 5.14
C PRO B 232 -16.64 -28.21 6.62
N THR B 233 -16.10 -29.32 7.10
CA THR B 233 -15.79 -29.48 8.52
C THR B 233 -14.32 -29.23 8.80
N VAL B 234 -14.01 -29.02 10.07
CA VAL B 234 -12.62 -28.91 10.52
C VAL B 234 -11.91 -30.23 10.24
N LYS B 235 -12.63 -31.32 10.42
CA LYS B 235 -12.10 -32.66 10.19
C LYS B 235 -11.68 -32.83 8.74
N ASP B 236 -12.52 -32.38 7.83
CA ASP B 236 -12.31 -32.62 6.40
C ASP B 236 -11.28 -31.68 5.79
N THR B 237 -11.01 -30.56 6.45
CA THR B 237 -10.16 -29.51 5.88
C THR B 237 -8.86 -29.28 6.64
N GLN B 238 -8.84 -29.62 7.92
CA GLN B 238 -7.71 -29.34 8.82
C GLN B 238 -7.60 -27.85 9.13
N ALA B 239 -8.64 -27.09 8.82
CA ALA B 239 -8.67 -25.66 9.09
C ALA B 239 -9.24 -25.41 10.49
N GLU B 240 -8.38 -24.96 11.40
CA GLU B 240 -8.77 -24.75 12.79
C GLU B 240 -9.88 -23.74 12.94
N MET B 241 -10.78 -24.02 13.89
CA MET B 241 -11.87 -23.12 14.26
C MET B 241 -11.91 -23.00 15.77
N ILE B 242 -12.48 -21.90 16.26
CA ILE B 242 -12.73 -21.77 17.69
C ILE B 242 -14.07 -22.40 18.03
N TYR B 243 -14.02 -23.63 18.51
CA TYR B 243 -15.22 -24.30 19.01
C TYR B 243 -14.97 -24.83 20.41
N PRO B 244 -15.96 -24.69 21.31
CA PRO B 244 -15.78 -25.32 22.62
C PRO B 244 -15.85 -26.84 22.49
N PRO B 245 -15.33 -27.57 23.49
CA PRO B 245 -15.21 -29.03 23.39
C PRO B 245 -16.55 -29.77 23.29
N GLN B 246 -17.65 -29.09 23.62
CA GLN B 246 -18.96 -29.72 23.58
C GLN B 246 -19.40 -30.00 22.16
N VAL B 247 -19.04 -29.09 21.26
CA VAL B 247 -19.50 -29.13 19.87
C VAL B 247 -19.05 -30.44 19.19
N PRO B 248 -20.01 -31.26 18.74
CA PRO B 248 -19.63 -32.49 18.03
C PRO B 248 -18.83 -32.23 16.76
N GLU B 249 -18.14 -33.26 16.28
CA GLU B 249 -17.20 -33.12 15.18
C GLU B 249 -17.86 -32.63 13.89
N HIS B 250 -19.05 -33.16 13.60
CA HIS B 250 -19.71 -32.90 12.32
C HIS B 250 -20.35 -31.52 12.26
N LEU B 251 -20.54 -30.88 13.41
CA LEU B 251 -21.13 -29.55 13.45
C LEU B 251 -20.04 -28.47 13.53
N ARG B 252 -18.78 -28.89 13.44
CA ARG B 252 -17.67 -27.96 13.44
C ARG B 252 -17.36 -27.49 12.03
N PHE B 253 -18.22 -26.61 11.51
CA PHE B 253 -18.03 -26.07 10.18
C PHE B 253 -16.78 -25.21 10.12
N ALA B 254 -16.05 -25.31 9.02
CA ALA B 254 -14.82 -24.56 8.82
C ALA B 254 -15.01 -23.52 7.72
N VAL B 255 -14.78 -22.26 8.06
CA VAL B 255 -14.84 -21.16 7.09
C VAL B 255 -13.61 -20.28 7.26
N GLY B 256 -13.52 -19.26 6.41
CA GLY B 256 -12.36 -18.38 6.39
C GLY B 256 -12.00 -17.82 7.76
N GLN B 257 -12.98 -17.23 8.44
CA GLN B 257 -12.76 -16.60 9.74
C GLN B 257 -12.91 -17.60 10.87
N GLU B 258 -11.86 -17.76 11.66
CA GLU B 258 -11.81 -18.76 12.72
C GLU B 258 -12.96 -18.66 13.72
N VAL B 259 -13.52 -17.47 13.86
CA VAL B 259 -14.46 -17.19 14.95
C VAL B 259 -15.93 -17.29 14.55
N PHE B 260 -16.20 -17.57 13.27
CA PHE B 260 -17.57 -17.51 12.79
C PHE B 260 -18.43 -18.68 13.26
N GLY B 261 -17.81 -19.62 13.96
CA GLY B 261 -18.57 -20.65 14.64
C GLY B 261 -19.29 -20.10 15.86
N LEU B 262 -18.94 -18.87 16.24
CA LEU B 262 -19.49 -18.22 17.44
C LEU B 262 -21.00 -18.18 17.47
N VAL B 263 -21.63 -17.72 16.38
CA VAL B 263 -23.10 -17.68 16.32
C VAL B 263 -23.61 -18.21 14.97
N PRO B 264 -24.78 -18.85 14.98
CA PRO B 264 -25.43 -19.31 13.75
C PRO B 264 -25.70 -18.19 12.73
N GLY B 265 -25.88 -16.96 13.21
CA GLY B 265 -26.13 -15.84 12.34
C GLY B 265 -24.94 -15.53 11.45
N LEU B 266 -23.74 -15.79 11.96
CA LEU B 266 -22.52 -15.57 11.21
C LEU B 266 -22.30 -16.71 10.23
N MET B 267 -22.59 -17.92 10.68
CA MET B 267 -22.43 -19.10 9.84
C MET B 267 -23.44 -19.07 8.71
N MET B 268 -24.54 -18.35 8.92
CA MET B 268 -25.56 -18.18 7.89
C MET B 268 -24.97 -17.46 6.68
N TYR B 269 -24.32 -16.33 6.93
CA TYR B 269 -23.72 -15.54 5.86
C TYR B 269 -22.50 -16.22 5.26
N ALA B 270 -21.77 -16.95 6.09
CA ALA B 270 -20.65 -17.75 5.63
C ALA B 270 -21.14 -18.76 4.61
N THR B 271 -22.22 -19.45 4.95
CA THR B 271 -22.84 -20.42 4.05
C THR B 271 -23.30 -19.75 2.77
N ILE B 272 -23.98 -18.61 2.89
CA ILE B 272 -24.51 -17.92 1.72
C ILE B 272 -23.38 -17.45 0.81
N TRP B 273 -22.35 -16.83 1.39
CA TRP B 273 -21.24 -16.34 0.60
C TRP B 273 -20.44 -17.50 0.00
N LEU B 274 -20.43 -18.63 0.69
CA LEU B 274 -19.76 -19.82 0.17
C LEU B 274 -20.49 -20.34 -1.06
N ARG B 275 -21.82 -20.35 -0.99
CA ARG B 275 -22.64 -20.78 -2.11
C ARG B 275 -22.47 -19.83 -3.29
N GLU B 276 -22.37 -18.54 -3.00
CA GLU B 276 -22.19 -17.54 -4.04
C GLU B 276 -20.88 -17.78 -4.78
N HIS B 277 -19.83 -18.14 -4.04
CA HIS B 277 -18.54 -18.38 -4.67
C HIS B 277 -18.62 -19.51 -5.69
N ASN B 278 -19.10 -20.67 -5.25
CA ASN B 278 -19.22 -21.82 -6.12
C ASN B 278 -20.24 -21.61 -7.23
N ARG B 279 -21.20 -20.72 -7.00
CA ARG B 279 -22.16 -20.37 -8.04
C ARG B 279 -21.45 -19.60 -9.15
N VAL B 280 -20.55 -18.70 -8.76
CA VAL B 280 -19.82 -17.90 -9.73
C VAL B 280 -18.81 -18.76 -10.48
N CYS B 281 -18.26 -19.76 -9.81
CA CYS B 281 -17.40 -20.74 -10.47
C CYS B 281 -18.16 -21.40 -11.62
N ASP B 282 -19.41 -21.80 -11.35
CA ASP B 282 -20.25 -22.41 -12.39
C ASP B 282 -20.49 -21.43 -13.54
N VAL B 283 -20.81 -20.18 -13.21
CA VAL B 283 -21.06 -19.17 -14.24
C VAL B 283 -19.81 -18.92 -15.08
N LEU B 284 -18.64 -18.93 -14.45
CA LEU B 284 -17.40 -18.65 -15.16
C LEU B 284 -16.90 -19.85 -15.95
N LYS B 285 -17.27 -21.05 -15.53
CA LYS B 285 -16.87 -22.25 -16.27
C LYS B 285 -17.59 -22.31 -17.61
N GLN B 286 -18.81 -21.79 -17.65
CA GLN B 286 -19.59 -21.75 -18.89
C GLN B 286 -19.03 -20.69 -19.83
N GLU B 287 -18.51 -19.61 -19.27
CA GLU B 287 -17.91 -18.54 -20.05
C GLU B 287 -16.50 -18.92 -20.50
N HIS B 288 -15.83 -19.73 -19.69
CA HIS B 288 -14.46 -20.16 -19.98
C HIS B 288 -14.26 -21.64 -19.66
N PRO B 289 -14.73 -22.51 -20.55
CA PRO B 289 -14.48 -23.95 -20.39
C PRO B 289 -13.00 -24.29 -20.51
N GLU B 290 -12.20 -23.33 -20.98
CA GLU B 290 -10.76 -23.54 -21.14
C GLU B 290 -9.98 -23.14 -19.89
N TRP B 291 -10.62 -22.39 -19.00
CA TRP B 291 -9.95 -21.94 -17.77
C TRP B 291 -9.68 -23.10 -16.83
N GLY B 292 -8.58 -22.99 -16.09
CA GLY B 292 -8.22 -23.98 -15.10
C GLY B 292 -8.75 -23.63 -13.73
N ASP B 293 -8.49 -24.49 -12.76
CA ASP B 293 -9.00 -24.29 -11.40
C ASP B 293 -8.51 -22.99 -10.78
N GLU B 294 -7.23 -22.71 -10.92
CA GLU B 294 -6.63 -21.56 -10.26
C GLU B 294 -7.28 -20.26 -10.74
N GLN B 295 -7.44 -20.11 -12.05
CA GLN B 295 -8.01 -18.86 -12.58
C GLN B 295 -9.49 -18.77 -12.27
N LEU B 296 -10.19 -19.89 -12.30
CA LEU B 296 -11.60 -19.92 -11.92
C LEU B 296 -11.75 -19.43 -10.49
N PHE B 297 -10.87 -19.88 -9.61
CA PHE B 297 -10.93 -19.48 -8.21
C PHE B 297 -10.63 -18.00 -8.03
N GLN B 298 -9.47 -17.56 -8.53
CA GLN B 298 -9.04 -16.19 -8.35
C GLN B 298 -10.06 -15.20 -8.90
N THR B 299 -10.58 -15.47 -10.08
CA THR B 299 -11.50 -14.55 -10.74
C THR B 299 -12.82 -14.46 -9.97
N SER B 300 -13.30 -15.59 -9.47
CA SER B 300 -14.49 -15.61 -8.62
C SER B 300 -14.30 -14.75 -7.37
N ARG B 301 -13.11 -14.85 -6.76
CA ARG B 301 -12.83 -14.08 -5.56
C ARG B 301 -12.90 -12.58 -5.86
N LEU B 302 -12.27 -12.16 -6.95
CA LEU B 302 -12.32 -10.77 -7.37
C LEU B 302 -13.75 -10.33 -7.63
N ILE B 303 -14.58 -11.22 -8.16
CA ILE B 303 -15.99 -10.91 -8.41
C ILE B 303 -16.74 -10.72 -7.08
N LEU B 304 -16.55 -11.65 -6.14
CA LEU B 304 -17.22 -11.56 -4.84
C LEU B 304 -16.78 -10.34 -4.05
N ILE B 305 -15.54 -9.89 -4.25
CA ILE B 305 -15.07 -8.65 -3.63
C ILE B 305 -15.87 -7.50 -4.20
N GLY B 306 -16.14 -7.57 -5.51
CA GLY B 306 -16.96 -6.56 -6.16
C GLY B 306 -18.38 -6.58 -5.63
N GLU B 307 -18.94 -7.78 -5.50
CA GLU B 307 -20.29 -7.95 -4.98
C GLU B 307 -20.45 -7.35 -3.59
N THR B 308 -19.46 -7.59 -2.73
CA THR B 308 -19.53 -7.13 -1.34
C THR B 308 -19.60 -5.61 -1.31
N ILE B 309 -18.63 -4.96 -1.96
CA ILE B 309 -18.59 -3.50 -2.00
C ILE B 309 -19.86 -2.93 -2.61
N LYS B 310 -20.37 -3.59 -3.64
CA LYS B 310 -21.62 -3.18 -4.29
C LYS B 310 -22.77 -3.15 -3.28
N ILE B 311 -22.92 -4.25 -2.55
CA ILE B 311 -24.00 -4.38 -1.58
C ILE B 311 -23.82 -3.44 -0.40
N VAL B 312 -22.60 -3.33 0.09
CA VAL B 312 -22.34 -2.51 1.28
C VAL B 312 -22.70 -1.05 1.01
N ILE B 313 -22.42 -0.57 -0.19
CA ILE B 313 -22.72 0.83 -0.51
C ILE B 313 -24.21 1.04 -0.78
N GLU B 314 -24.78 0.21 -1.66
CA GLU B 314 -26.12 0.49 -2.19
C GLU B 314 -27.27 -0.13 -1.40
N ASP B 315 -26.98 -1.14 -0.58
CA ASP B 315 -27.99 -1.75 0.28
C ASP B 315 -27.74 -1.44 1.75
N TYR B 316 -26.58 -1.87 2.24
CA TYR B 316 -26.20 -1.72 3.64
C TYR B 316 -26.12 -0.25 4.07
N VAL B 317 -25.21 0.51 3.47
CA VAL B 317 -25.04 1.91 3.84
C VAL B 317 -26.24 2.77 3.43
N ASN B 318 -26.82 2.47 2.27
CA ASN B 318 -28.01 3.20 1.81
C ASN B 318 -29.11 3.08 2.86
N HIS B 319 -29.27 1.89 3.42
CA HIS B 319 -30.22 1.68 4.50
C HIS B 319 -29.87 2.53 5.70
N LEU B 320 -28.63 2.41 6.17
CA LEU B 320 -28.19 3.11 7.37
C LEU B 320 -28.43 4.60 7.25
N SER B 321 -28.10 5.17 6.11
CA SER B 321 -28.22 6.60 5.89
C SER B 321 -29.68 7.06 5.97
N GLY B 322 -30.58 6.26 5.40
CA GLY B 322 -31.96 6.67 5.25
C GLY B 322 -32.06 7.81 4.26
N TYR B 323 -31.00 7.98 3.46
CA TYR B 323 -30.99 9.01 2.43
C TYR B 323 -31.99 8.65 1.34
N HIS B 324 -32.76 9.65 0.91
CA HIS B 324 -33.62 9.50 -0.25
C HIS B 324 -32.75 9.38 -1.49
N PHE B 325 -31.56 9.99 -1.41
CA PHE B 325 -30.57 9.87 -2.47
C PHE B 325 -30.06 8.44 -2.58
N LYS B 326 -30.03 7.94 -3.81
CA LYS B 326 -29.65 6.56 -4.09
C LYS B 326 -28.15 6.42 -4.30
N LEU B 327 -27.44 6.01 -3.26
CA LEU B 327 -26.00 5.83 -3.32
C LEU B 327 -25.63 4.84 -4.41
N LYS B 328 -24.46 5.01 -5.00
CA LYS B 328 -24.02 4.19 -6.12
C LYS B 328 -22.58 3.70 -5.95
N PHE B 329 -22.36 2.43 -6.28
CA PHE B 329 -21.02 1.90 -6.40
C PHE B 329 -20.57 2.04 -7.85
N ASP B 330 -19.66 2.97 -8.09
CA ASP B 330 -19.13 3.19 -9.42
C ASP B 330 -17.74 3.79 -9.33
N PRO B 331 -16.70 2.93 -9.39
CA PRO B 331 -15.31 3.40 -9.31
C PRO B 331 -14.93 4.45 -10.37
N GLU B 332 -15.69 4.55 -11.45
CA GLU B 332 -15.38 5.50 -12.50
C GLU B 332 -15.56 6.95 -12.03
N LEU B 333 -16.33 7.12 -10.96
CA LEU B 333 -16.62 8.45 -10.43
C LEU B 333 -15.36 9.14 -9.90
N LEU B 334 -14.34 8.35 -9.58
CA LEU B 334 -13.13 8.87 -8.95
C LEU B 334 -11.92 8.93 -9.87
N PHE B 335 -12.04 8.43 -11.10
CA PHE B 335 -10.94 8.44 -12.04
C PHE B 335 -10.50 9.87 -12.40
N ASN B 336 -11.38 10.84 -12.16
CA ASN B 336 -11.08 12.24 -12.42
C ASN B 336 -10.45 12.95 -11.23
N LYS B 337 -10.53 12.31 -10.06
CA LYS B 337 -10.20 12.97 -8.80
C LYS B 337 -8.87 12.50 -8.21
N GLN B 338 -8.33 13.30 -7.29
CA GLN B 338 -7.23 12.86 -6.47
C GLN B 338 -7.77 11.88 -5.43
N PHE B 339 -7.24 10.66 -5.44
CA PHE B 339 -7.72 9.62 -4.55
C PHE B 339 -6.68 8.51 -4.44
N GLN B 340 -6.46 8.03 -3.23
CA GLN B 340 -5.43 7.03 -2.96
C GLN B 340 -6.03 5.64 -2.81
N TYR B 341 -5.72 4.75 -3.76
CA TYR B 341 -6.24 3.39 -3.72
C TYR B 341 -5.43 2.52 -2.77
N GLN B 342 -5.65 2.74 -1.49
CA GLN B 342 -5.01 1.98 -0.43
C GLN B 342 -5.71 2.33 0.88
N ASN B 343 -5.59 1.47 1.88
CA ASN B 343 -6.27 1.69 3.14
C ASN B 343 -5.54 1.05 4.31
N ARG B 344 -5.83 1.55 5.51
CA ARG B 344 -5.28 1.02 6.75
C ARG B 344 -6.33 1.20 7.83
N ILE B 345 -6.77 0.09 8.42
CA ILE B 345 -7.85 0.11 9.40
C ILE B 345 -7.46 0.87 10.66
N ALA B 346 -8.28 1.85 11.02
CA ALA B 346 -8.06 2.66 12.21
C ALA B 346 -8.70 2.00 13.43
N ALA B 347 -7.97 1.95 14.53
CA ALA B 347 -8.48 1.38 15.77
C ALA B 347 -9.78 2.07 16.18
N GLU B 348 -9.85 3.38 15.94
CA GLU B 348 -11.06 4.11 16.27
C GLU B 348 -12.22 3.66 15.40
N PHE B 349 -11.92 3.33 14.14
CA PHE B 349 -12.93 2.79 13.25
C PHE B 349 -13.48 1.51 13.85
N ASN B 350 -12.56 0.69 14.36
CA ASN B 350 -12.92 -0.54 15.03
C ASN B 350 -13.79 -0.26 16.25
N THR B 351 -13.33 0.67 17.10
CA THR B 351 -14.05 1.03 18.31
C THR B 351 -15.49 1.46 18.03
N LEU B 352 -15.67 2.42 17.14
CA LEU B 352 -17.00 2.99 16.93
C LEU B 352 -17.96 1.97 16.30
N TYR B 353 -17.41 0.88 15.79
CA TYR B 353 -18.23 -0.13 15.12
C TYR B 353 -18.74 -1.21 16.08
N HIS B 354 -18.53 -1.00 17.38
CA HIS B 354 -19.04 -1.93 18.38
C HIS B 354 -20.52 -1.67 18.63
N TRP B 355 -21.33 -1.94 17.60
CA TRP B 355 -22.78 -1.70 17.65
C TRP B 355 -23.49 -2.84 18.36
N HIS B 356 -23.05 -3.17 19.56
CA HIS B 356 -23.61 -4.30 20.28
C HIS B 356 -25.01 -4.03 20.87
N PRO B 357 -25.48 -2.76 20.87
CA PRO B 357 -26.90 -2.59 21.19
C PRO B 357 -27.86 -3.08 20.10
N LEU B 358 -27.35 -3.32 18.90
CA LEU B 358 -28.18 -3.84 17.80
C LEU B 358 -28.86 -5.14 18.19
N LEU B 359 -28.25 -5.86 19.14
CA LEU B 359 -28.66 -7.22 19.45
C LEU B 359 -29.96 -7.27 20.26
N PRO B 360 -30.80 -8.27 19.98
CA PRO B 360 -32.07 -8.46 20.71
C PRO B 360 -31.88 -9.07 22.09
N ASP B 361 -32.97 -9.31 22.80
CA ASP B 361 -32.91 -10.00 24.08
C ASP B 361 -32.96 -11.51 23.87
N THR B 362 -33.66 -11.91 22.81
CA THR B 362 -33.76 -13.32 22.43
C THR B 362 -33.73 -13.42 20.90
N PHE B 363 -33.35 -14.58 20.40
CA PHE B 363 -33.27 -14.80 18.95
C PHE B 363 -34.44 -15.66 18.47
N GLN B 364 -35.30 -15.07 17.65
CA GLN B 364 -36.48 -15.76 17.16
C GLN B 364 -36.27 -16.35 15.78
N ILE B 365 -36.17 -17.67 15.72
CA ILE B 365 -36.10 -18.41 14.45
C ILE B 365 -37.39 -19.19 14.27
N HIS B 366 -38.11 -18.90 13.18
CA HIS B 366 -39.40 -19.52 12.91
C HIS B 366 -40.33 -19.27 14.11
N ASP B 367 -40.85 -20.34 14.72
CA ASP B 367 -41.72 -20.21 15.88
C ASP B 367 -41.01 -20.68 17.15
N GLN B 368 -39.74 -20.31 17.28
CA GLN B 368 -38.96 -20.64 18.48
C GLN B 368 -38.18 -19.43 18.98
N LYS B 369 -37.91 -19.41 20.29
CA LYS B 369 -37.07 -18.40 20.90
C LYS B 369 -35.81 -19.05 21.49
N TYR B 370 -34.67 -18.41 21.28
CA TYR B 370 -33.41 -18.83 21.87
C TYR B 370 -32.77 -17.66 22.58
N ASN B 371 -32.28 -17.87 23.80
CA ASN B 371 -31.50 -16.86 24.49
C ASN B 371 -30.02 -17.06 24.18
N TYR B 372 -29.17 -16.17 24.69
CA TYR B 372 -27.74 -16.22 24.41
C TYR B 372 -27.11 -17.50 24.93
N GLN B 373 -27.74 -18.12 25.92
CA GLN B 373 -27.26 -19.37 26.50
C GLN B 373 -27.19 -20.47 25.45
N GLN B 374 -28.27 -20.61 24.69
CA GLN B 374 -28.44 -21.72 23.76
C GLN B 374 -28.18 -21.36 22.30
N PHE B 375 -28.02 -20.08 22.02
CA PHE B 375 -27.82 -19.62 20.64
C PHE B 375 -26.35 -19.65 20.23
N ILE B 376 -25.46 -19.27 21.15
CA ILE B 376 -24.03 -19.20 20.86
C ILE B 376 -23.43 -20.58 20.66
N TYR B 377 -22.62 -20.71 19.59
CA TYR B 377 -21.92 -21.94 19.27
C TYR B 377 -22.86 -23.12 19.02
N ASN B 378 -24.09 -22.83 18.61
CA ASN B 378 -25.06 -23.88 18.31
C ASN B 378 -25.45 -23.92 16.83
N ASN B 379 -24.60 -24.53 16.00
CA ASN B 379 -24.91 -24.71 14.59
C ASN B 379 -26.03 -25.72 14.37
N SER B 380 -26.39 -26.46 15.41
CA SER B 380 -27.49 -27.41 15.33
C SER B 380 -28.77 -26.67 14.96
N ILE B 381 -28.88 -25.44 15.43
CA ILE B 381 -30.02 -24.58 15.08
C ILE B 381 -30.02 -24.28 13.59
N LEU B 382 -28.84 -24.04 13.05
CA LEU B 382 -28.71 -23.70 11.64
C LEU B 382 -29.19 -24.85 10.75
N LEU B 383 -28.76 -26.07 11.08
CA LEU B 383 -29.18 -27.24 10.32
C LEU B 383 -30.63 -27.61 10.63
N GLU B 384 -31.10 -27.25 11.81
CA GLU B 384 -32.47 -27.54 12.21
C GLU B 384 -33.46 -26.77 11.34
N HIS B 385 -33.25 -25.46 11.23
CA HIS B 385 -34.17 -24.59 10.51
C HIS B 385 -33.78 -24.38 9.05
N GLY B 386 -32.53 -24.67 8.71
CA GLY B 386 -32.04 -24.43 7.37
C GLY B 386 -31.84 -22.95 7.12
N ILE B 387 -31.16 -22.61 6.04
CA ILE B 387 -30.84 -21.22 5.75
C ILE B 387 -32.09 -20.40 5.40
N THR B 388 -33.00 -21.00 4.64
CA THR B 388 -34.19 -20.29 4.17
C THR B 388 -35.00 -19.73 5.34
N GLN B 389 -35.31 -20.59 6.29
CA GLN B 389 -36.05 -20.17 7.48
C GLN B 389 -35.30 -19.08 8.23
N PHE B 390 -33.98 -19.22 8.28
CA PHE B 390 -33.13 -18.24 8.95
C PHE B 390 -33.32 -16.85 8.36
N VAL B 391 -33.33 -16.78 7.03
CA VAL B 391 -33.49 -15.50 6.34
C VAL B 391 -34.89 -14.95 6.57
N GLU B 392 -35.90 -15.83 6.53
CA GLU B 392 -37.28 -15.44 6.77
C GLU B 392 -37.46 -14.87 8.17
N SER B 393 -36.78 -15.48 9.14
CA SER B 393 -36.90 -15.07 10.54
C SER B 393 -36.10 -13.80 10.82
N PHE B 394 -34.87 -13.74 10.33
CA PHE B 394 -34.01 -12.59 10.57
C PHE B 394 -34.52 -11.34 9.87
N THR B 395 -35.13 -11.51 8.70
CA THR B 395 -35.66 -10.37 7.94
C THR B 395 -36.73 -9.65 8.73
N ARG B 396 -37.48 -10.40 9.53
CA ARG B 396 -38.65 -9.87 10.23
C ARG B 396 -38.35 -9.44 11.66
N GLN B 397 -37.22 -9.87 12.22
CA GLN B 397 -36.89 -9.50 13.60
C GLN B 397 -36.17 -8.16 13.66
N ILE B 398 -36.74 -7.25 14.44
CA ILE B 398 -36.19 -5.92 14.63
C ILE B 398 -34.88 -5.96 15.42
N ALA B 399 -33.97 -5.03 15.11
CA ALA B 399 -32.73 -4.88 15.86
C ALA B 399 -32.84 -3.72 16.84
N GLY B 400 -31.91 -3.64 17.79
CA GLY B 400 -31.92 -2.57 18.77
C GLY B 400 -31.36 -1.27 18.22
N ARG B 401 -31.65 -0.18 18.91
CA ARG B 401 -31.13 1.14 18.53
C ARG B 401 -29.75 1.34 19.15
N VAL B 402 -28.83 1.90 18.38
CA VAL B 402 -27.43 2.00 18.80
C VAL B 402 -27.13 3.27 19.59
N ALA B 403 -27.74 4.38 19.20
CA ALA B 403 -27.58 5.64 19.92
C ALA B 403 -28.70 5.82 20.93
N GLY B 404 -28.47 6.67 21.93
CA GLY B 404 -29.48 6.96 22.94
C GLY B 404 -29.16 6.31 24.29
N GLY B 405 -28.12 5.48 24.32
CA GLY B 405 -27.68 4.85 25.54
C GLY B 405 -28.66 3.85 26.11
N ARG B 406 -28.19 3.09 27.10
CA ARG B 406 -29.01 2.11 27.81
C ARG B 406 -29.75 1.17 26.87
N ASN B 407 -28.99 0.47 26.04
CA ASN B 407 -29.58 -0.52 25.15
C ASN B 407 -28.61 -1.66 24.81
N VAL B 408 -27.58 -1.84 25.63
CA VAL B 408 -26.68 -2.98 25.51
C VAL B 408 -27.24 -4.16 26.31
N PRO B 409 -27.37 -5.34 25.69
CA PRO B 409 -27.90 -6.48 26.44
C PRO B 409 -26.94 -6.96 27.54
N PRO B 410 -27.47 -7.33 28.71
CA PRO B 410 -26.65 -7.83 29.83
C PRO B 410 -25.65 -8.91 29.42
N ALA B 411 -25.98 -9.69 28.40
CA ALA B 411 -25.11 -10.77 27.94
C ALA B 411 -23.76 -10.23 27.48
N VAL B 412 -23.80 -9.23 26.60
CA VAL B 412 -22.58 -8.62 26.06
C VAL B 412 -22.18 -7.40 26.89
N GLN B 413 -22.63 -7.36 28.13
CA GLN B 413 -22.24 -6.29 29.05
C GLN B 413 -20.73 -6.19 29.18
N LYS B 414 -20.11 -7.31 29.56
CA LYS B 414 -18.66 -7.39 29.70
C LYS B 414 -17.93 -6.85 28.48
N VAL B 415 -18.37 -7.26 27.30
CA VAL B 415 -17.81 -6.81 26.03
C VAL B 415 -17.81 -5.29 25.97
N SER B 416 -18.94 -4.69 26.33
CA SER B 416 -19.07 -3.25 26.32
C SER B 416 -18.01 -2.64 27.24
N GLN B 417 -17.81 -3.28 28.39
CA GLN B 417 -16.79 -2.84 29.33
C GLN B 417 -15.39 -3.03 28.74
N ALA B 418 -15.22 -4.12 27.99
CA ALA B 418 -13.93 -4.40 27.34
C ALA B 418 -13.57 -3.29 26.37
N SER B 419 -14.59 -2.76 25.70
CA SER B 419 -14.42 -1.68 24.74
C SER B 419 -13.74 -0.47 25.39
N ILE B 420 -14.31 -0.02 26.50
CA ILE B 420 -13.81 1.16 27.22
C ILE B 420 -12.39 0.94 27.72
N ASP B 421 -12.15 -0.22 28.34
CA ASP B 421 -10.84 -0.53 28.91
C ASP B 421 -9.75 -0.56 27.84
N GLN B 422 -10.04 -1.21 26.73
CA GLN B 422 -9.08 -1.31 25.63
C GLN B 422 -8.82 0.06 25.01
N SER B 423 -9.81 0.95 25.10
CA SER B 423 -9.65 2.31 24.60
C SER B 423 -8.63 3.08 25.44
N ARG B 424 -8.86 3.09 26.75
CA ARG B 424 -7.96 3.74 27.69
C ARG B 424 -6.56 3.17 27.58
N GLN B 425 -6.49 1.84 27.49
CA GLN B 425 -5.23 1.13 27.34
C GLN B 425 -4.46 1.62 26.11
N MET B 426 -5.20 1.97 25.06
CA MET B 426 -4.59 2.46 23.82
C MET B 426 -4.45 3.99 23.81
N LYS B 427 -4.69 4.63 24.94
CA LYS B 427 -4.45 6.07 25.10
C LYS B 427 -5.27 6.93 24.13
N TYR B 428 -6.55 6.59 23.96
CA TYR B 428 -7.44 7.41 23.13
C TYR B 428 -7.60 8.82 23.69
N GLN B 429 -7.69 9.81 22.81
CA GLN B 429 -8.04 11.17 23.22
C GLN B 429 -9.53 11.23 23.52
N SER B 430 -10.01 12.40 23.94
CA SER B 430 -11.40 12.55 24.37
C SER B 430 -12.37 12.53 23.21
N PHE B 431 -13.65 12.36 23.54
CA PHE B 431 -14.72 12.35 22.55
C PHE B 431 -14.78 13.68 21.81
N ASN B 432 -14.61 14.77 22.55
CA ASN B 432 -14.62 16.09 21.96
C ASN B 432 -13.40 16.31 21.06
N GLU B 433 -12.29 15.65 21.39
CA GLU B 433 -11.09 15.78 20.59
C GLU B 433 -11.27 15.14 19.22
N TYR B 434 -12.11 14.10 19.16
CA TYR B 434 -12.37 13.42 17.91
C TYR B 434 -13.40 14.18 17.08
N ARG B 435 -14.34 14.84 17.74
CA ARG B 435 -15.32 15.65 17.04
C ARG B 435 -14.63 16.76 16.26
N LYS B 436 -13.59 17.35 16.86
CA LYS B 436 -12.82 18.39 16.19
C LYS B 436 -11.98 17.81 15.06
N ARG B 437 -11.55 16.56 15.22
CA ARG B 437 -10.75 15.89 14.20
C ARG B 437 -11.56 15.61 12.94
N PHE B 438 -12.88 15.62 13.07
CA PHE B 438 -13.77 15.36 11.94
C PHE B 438 -14.70 16.54 11.70
N MET B 439 -14.19 17.73 12.00
CA MET B 439 -14.85 18.98 11.66
C MET B 439 -16.23 19.12 12.27
N LEU B 440 -16.32 18.87 13.57
CA LEU B 440 -17.57 19.04 14.31
C LEU B 440 -17.39 20.00 15.46
N LYS B 441 -18.42 20.78 15.73
CA LYS B 441 -18.45 21.65 16.91
C LYS B 441 -18.48 20.75 18.15
N PRO B 442 -17.49 20.89 19.05
CA PRO B 442 -17.56 20.07 20.27
C PRO B 442 -18.74 20.44 21.17
N TYR B 443 -19.34 19.44 21.80
CA TYR B 443 -20.43 19.68 22.73
C TYR B 443 -19.93 20.46 23.94
N GLU B 444 -20.70 21.45 24.37
CA GLU B 444 -20.31 22.32 25.47
C GLU B 444 -20.89 21.83 26.80
N SER B 445 -22.04 21.17 26.72
CA SER B 445 -22.73 20.64 27.91
C SER B 445 -23.12 19.18 27.70
N PHE B 446 -23.19 18.44 28.80
CA PHE B 446 -23.62 17.05 28.76
C PHE B 446 -25.03 16.94 28.21
N GLU B 447 -25.83 17.97 28.47
CA GLU B 447 -27.21 18.00 28.01
C GLU B 447 -27.28 18.12 26.49
N GLU B 448 -26.43 18.96 25.92
CA GLU B 448 -26.37 19.12 24.47
C GLU B 448 -25.95 17.81 23.82
N LEU B 449 -25.10 17.06 24.51
CA LEU B 449 -24.57 15.80 23.99
C LEU B 449 -25.65 14.71 23.95
N THR B 450 -26.45 14.64 25.01
CA THR B 450 -27.46 13.59 25.14
C THR B 450 -28.85 14.08 24.77
N GLY B 451 -29.05 15.39 24.82
CA GLY B 451 -30.35 15.98 24.52
C GLY B 451 -31.40 15.54 25.51
N GLU B 452 -30.97 15.16 26.71
CA GLU B 452 -31.86 14.71 27.76
C GLU B 452 -31.24 15.05 29.12
N LYS B 453 -31.80 14.52 30.20
CA LYS B 453 -31.47 15.00 31.54
C LYS B 453 -30.90 13.93 32.48
N GLU B 454 -31.41 12.71 32.42
CA GLU B 454 -31.01 11.66 33.36
C GLU B 454 -29.61 11.11 33.07
N MET B 455 -29.33 10.84 31.80
CA MET B 455 -28.04 10.31 31.39
C MET B 455 -26.93 11.37 31.47
N SER B 456 -27.25 12.59 31.05
CA SER B 456 -26.29 13.69 31.11
C SER B 456 -25.93 13.99 32.56
N ALA B 457 -26.91 13.86 33.44
CA ALA B 457 -26.69 13.99 34.88
C ALA B 457 -25.69 12.93 35.32
N GLU B 458 -25.97 11.68 34.96
CA GLU B 458 -25.09 10.56 35.28
C GLU B 458 -23.68 10.77 34.74
N LEU B 459 -23.58 11.39 33.58
CA LEU B 459 -22.28 11.60 32.94
C LEU B 459 -21.45 12.62 33.70
N GLU B 460 -22.09 13.69 34.15
CA GLU B 460 -21.38 14.76 34.85
C GLU B 460 -20.84 14.28 36.19
N ALA B 461 -21.49 13.27 36.77
CA ALA B 461 -21.02 12.67 38.01
C ALA B 461 -19.74 11.88 37.77
N LEU B 462 -19.74 11.09 36.70
CA LEU B 462 -18.62 10.22 36.38
C LEU B 462 -17.39 10.99 35.90
N TYR B 463 -17.61 11.96 35.01
CA TYR B 463 -16.52 12.64 34.32
C TYR B 463 -16.26 14.05 34.89
N GLY B 464 -17.32 14.81 35.13
CA GLY B 464 -17.20 16.17 35.58
C GLY B 464 -17.17 17.15 34.42
N ASP B 465 -16.10 17.13 33.66
CA ASP B 465 -15.93 17.99 32.49
C ASP B 465 -16.44 17.27 31.24
N ILE B 466 -17.07 18.01 30.34
CA ILE B 466 -17.56 17.43 29.09
C ILE B 466 -16.40 17.01 28.21
N ASP B 467 -15.25 17.66 28.38
CA ASP B 467 -14.06 17.34 27.61
C ASP B 467 -13.39 16.08 28.14
N ALA B 468 -13.91 15.54 29.24
CA ALA B 468 -13.36 14.34 29.85
C ALA B 468 -14.08 13.08 29.38
N VAL B 469 -15.16 13.24 28.63
CA VAL B 469 -15.95 12.11 28.17
C VAL B 469 -15.19 11.34 27.09
N GLU B 470 -15.17 10.02 27.21
CA GLU B 470 -14.42 9.17 26.29
C GLU B 470 -15.20 8.91 25.01
N LEU B 471 -14.50 8.39 24.01
CA LEU B 471 -15.08 8.19 22.68
C LEU B 471 -16.23 7.19 22.68
N TYR B 472 -15.97 5.96 23.15
CA TYR B 472 -16.97 4.89 23.07
C TYR B 472 -18.24 5.20 23.87
N PRO B 473 -18.08 5.63 25.14
CA PRO B 473 -19.28 5.96 25.93
C PRO B 473 -20.19 6.97 25.25
N ALA B 474 -19.61 8.10 24.85
CA ALA B 474 -20.38 9.20 24.25
C ALA B 474 -21.13 8.75 23.00
N LEU B 475 -20.46 8.00 22.13
CA LEU B 475 -21.05 7.55 20.87
C LEU B 475 -22.37 6.82 21.08
N LEU B 476 -22.50 6.13 22.20
CA LEU B 476 -23.69 5.32 22.46
C LEU B 476 -24.74 6.04 23.29
N VAL B 477 -24.37 7.15 23.93
CA VAL B 477 -25.32 7.94 24.70
C VAL B 477 -25.69 9.24 23.97
N GLU B 478 -25.08 9.45 22.79
CA GLU B 478 -25.33 10.67 22.04
C GLU B 478 -26.76 10.75 21.53
N LYS B 479 -27.31 11.96 21.53
CA LYS B 479 -28.63 12.24 20.99
C LYS B 479 -28.74 11.76 19.55
N PRO B 480 -29.62 10.77 19.28
CA PRO B 480 -29.80 10.35 17.89
C PRO B 480 -30.39 11.47 17.04
N ARG B 481 -30.21 11.38 15.72
CA ARG B 481 -30.89 12.28 14.80
C ARG B 481 -32.36 11.88 14.74
N PRO B 482 -33.22 12.77 14.21
CA PRO B 482 -34.66 12.49 14.10
C PRO B 482 -34.98 11.09 13.60
N ASP B 483 -35.54 10.26 14.50
CA ASP B 483 -35.87 8.88 14.18
C ASP B 483 -34.69 8.15 13.52
N ALA B 484 -33.49 8.46 13.99
CA ALA B 484 -32.27 7.88 13.45
C ALA B 484 -31.78 6.73 14.32
N ILE B 485 -30.81 5.99 13.81
CA ILE B 485 -30.19 4.89 14.55
C ILE B 485 -28.93 5.38 15.24
N PHE B 486 -28.26 6.35 14.62
CA PHE B 486 -27.02 6.92 15.13
C PHE B 486 -27.20 8.39 15.52
N GLY B 487 -26.21 8.92 16.23
CA GLY B 487 -26.08 10.36 16.44
C GLY B 487 -25.14 10.90 15.38
N GLU B 488 -24.99 12.22 15.31
CA GLU B 488 -24.22 12.82 14.22
C GLU B 488 -22.76 12.38 14.24
N THR B 489 -22.18 12.23 15.43
CA THR B 489 -20.76 11.89 15.53
C THR B 489 -20.45 10.54 14.90
N MET B 490 -21.29 9.55 15.18
CA MET B 490 -21.09 8.22 14.64
C MET B 490 -21.04 8.27 13.11
N VAL B 491 -21.93 9.07 12.54
CA VAL B 491 -21.99 9.23 11.09
C VAL B 491 -20.74 9.93 10.56
N GLU B 492 -20.51 11.14 11.05
CA GLU B 492 -19.47 11.99 10.47
C GLU B 492 -18.05 11.50 10.76
N VAL B 493 -17.93 10.50 11.64
CA VAL B 493 -16.66 9.83 11.86
C VAL B 493 -16.66 8.48 11.15
N GLY B 494 -17.82 7.83 11.14
CA GLY B 494 -17.95 6.52 10.53
C GLY B 494 -17.84 6.51 9.02
N ALA B 495 -18.50 7.46 8.36
CA ALA B 495 -18.59 7.47 6.90
C ALA B 495 -17.23 7.57 6.20
N PRO B 496 -16.36 8.49 6.66
CA PRO B 496 -15.02 8.59 6.06
C PRO B 496 -14.27 7.26 6.06
N PHE B 497 -14.32 6.55 7.18
CA PHE B 497 -13.70 5.24 7.29
C PHE B 497 -14.37 4.24 6.35
N SER B 498 -15.70 4.22 6.38
CA SER B 498 -16.47 3.31 5.53
C SER B 498 -16.11 3.48 4.06
N LEU B 499 -16.26 4.70 3.57
CA LEU B 499 -16.08 4.98 2.14
C LEU B 499 -14.63 4.80 1.69
N LYS B 500 -13.69 5.26 2.51
CA LYS B 500 -12.28 5.07 2.19
C LYS B 500 -11.97 3.58 2.10
N GLY B 501 -12.48 2.83 3.08
CA GLY B 501 -12.27 1.40 3.12
C GLY B 501 -12.81 0.73 1.87
N LEU B 502 -13.99 1.15 1.44
CA LEU B 502 -14.64 0.55 0.30
C LEU B 502 -13.99 0.92 -1.03
N MET B 503 -13.84 2.23 -1.27
CA MET B 503 -13.36 2.72 -2.56
C MET B 503 -11.83 2.66 -2.68
N GLY B 504 -11.15 2.49 -1.56
CA GLY B 504 -9.69 2.41 -1.57
C GLY B 504 -9.21 1.04 -1.99
N ASN B 505 -10.12 0.08 -2.07
CA ASN B 505 -9.79 -1.26 -2.50
C ASN B 505 -9.18 -1.26 -3.90
N VAL B 506 -8.24 -2.18 -4.14
CA VAL B 506 -7.52 -2.24 -5.41
C VAL B 506 -8.42 -2.34 -6.63
N ILE B 507 -9.48 -3.13 -6.56
CA ILE B 507 -10.32 -3.39 -7.75
C ILE B 507 -11.02 -2.12 -8.23
N CYS B 508 -11.03 -1.08 -7.42
CA CYS B 508 -11.65 0.19 -7.79
C CYS B 508 -10.69 1.08 -8.56
N SER B 509 -9.41 0.68 -8.58
CA SER B 509 -8.41 1.42 -9.35
C SER B 509 -8.65 1.19 -10.84
N PRO B 510 -8.27 2.18 -11.66
CA PRO B 510 -8.58 2.11 -13.10
C PRO B 510 -7.91 0.97 -13.86
N ALA B 511 -6.84 0.39 -13.33
CA ALA B 511 -6.16 -0.71 -14.01
C ALA B 511 -6.91 -2.02 -13.82
N TYR B 512 -7.55 -2.18 -12.66
CA TYR B 512 -8.31 -3.39 -12.37
C TYR B 512 -9.77 -3.30 -12.83
N TRP B 513 -10.37 -2.13 -12.67
CA TRP B 513 -11.81 -1.99 -12.90
C TRP B 513 -12.17 -2.03 -14.38
N LYS B 514 -12.16 -3.25 -14.94
CA LYS B 514 -12.54 -3.47 -16.33
C LYS B 514 -13.00 -4.92 -16.50
N PRO B 515 -13.77 -5.21 -17.55
CA PRO B 515 -14.40 -6.53 -17.65
C PRO B 515 -13.41 -7.71 -17.71
N SER B 516 -12.29 -7.54 -18.40
CA SER B 516 -11.32 -8.61 -18.54
C SER B 516 -10.81 -9.07 -17.17
N THR B 517 -10.79 -8.14 -16.22
CA THR B 517 -10.34 -8.44 -14.87
C THR B 517 -11.26 -9.46 -14.19
N PHE B 518 -12.53 -9.46 -14.60
CA PHE B 518 -13.54 -10.29 -13.95
C PHE B 518 -14.08 -11.39 -14.87
N GLY B 519 -13.36 -11.67 -15.95
CA GLY B 519 -13.71 -12.78 -16.83
C GLY B 519 -14.53 -12.38 -18.04
N GLY B 520 -14.80 -11.09 -18.19
CA GLY B 520 -15.60 -10.59 -19.30
C GLY B 520 -16.80 -9.80 -18.82
N GLU B 521 -17.74 -9.54 -19.73
CA GLU B 521 -18.90 -8.73 -19.41
C GLU B 521 -19.88 -9.45 -18.48
N VAL B 522 -20.00 -10.75 -18.63
CA VAL B 522 -20.88 -11.53 -17.77
C VAL B 522 -20.39 -11.44 -16.34
N GLY B 523 -19.11 -11.75 -16.15
CA GLY B 523 -18.50 -11.66 -14.83
C GLY B 523 -18.63 -10.27 -14.27
N PHE B 524 -18.36 -9.28 -15.11
CA PHE B 524 -18.39 -7.89 -14.70
C PHE B 524 -19.80 -7.46 -14.29
N GLN B 525 -20.80 -8.02 -14.97
CA GLN B 525 -22.19 -7.67 -14.72
C GLN B 525 -22.65 -8.18 -13.36
N ILE B 526 -22.09 -9.30 -12.93
CA ILE B 526 -22.44 -9.88 -11.63
C ILE B 526 -22.16 -8.89 -10.51
N ILE B 527 -21.06 -8.16 -10.63
CA ILE B 527 -20.71 -7.14 -9.65
C ILE B 527 -21.72 -6.00 -9.68
N ASN B 528 -21.98 -5.49 -10.88
CA ASN B 528 -22.70 -4.24 -11.04
C ASN B 528 -24.22 -4.36 -10.89
N THR B 529 -24.72 -5.58 -10.71
CA THR B 529 -26.14 -5.82 -10.50
C THR B 529 -26.43 -6.39 -9.12
N ALA B 530 -25.37 -6.70 -8.36
CA ALA B 530 -25.51 -7.35 -7.07
C ALA B 530 -26.37 -6.54 -6.09
N SER B 531 -27.04 -7.27 -5.21
CA SER B 531 -27.79 -6.68 -4.11
C SER B 531 -27.97 -7.73 -3.03
N ILE B 532 -28.26 -7.30 -1.80
CA ILE B 532 -28.51 -8.24 -0.72
C ILE B 532 -29.64 -9.19 -1.09
N GLN B 533 -30.62 -8.69 -1.82
CA GLN B 533 -31.78 -9.50 -2.21
C GLN B 533 -31.39 -10.61 -3.18
N SER B 534 -30.57 -10.29 -4.18
CA SER B 534 -30.17 -11.27 -5.19
C SER B 534 -29.18 -12.28 -4.64
N LEU B 535 -28.35 -11.85 -3.69
CA LEU B 535 -27.44 -12.78 -3.02
C LEU B 535 -28.24 -13.90 -2.38
N ILE B 536 -29.24 -13.50 -1.60
CA ILE B 536 -30.16 -14.45 -0.98
C ILE B 536 -30.91 -15.25 -2.05
N CYS B 537 -31.46 -14.54 -3.04
CA CYS B 537 -32.30 -15.17 -4.05
C CYS B 537 -31.58 -16.23 -4.88
N ASN B 538 -30.28 -16.06 -5.07
CA ASN B 538 -29.48 -16.96 -5.90
C ASN B 538 -28.94 -18.17 -5.14
N ASN B 539 -28.83 -18.05 -3.82
CA ASN B 539 -28.12 -19.04 -3.02
C ASN B 539 -28.95 -19.62 -1.89
N VAL B 540 -30.19 -19.17 -1.77
CA VAL B 540 -31.11 -19.65 -0.75
C VAL B 540 -32.36 -20.26 -1.39
N LYS B 541 -32.76 -21.42 -0.89
CA LYS B 541 -33.88 -22.17 -1.44
C LYS B 541 -35.19 -21.42 -1.29
N GLY B 542 -35.93 -21.29 -2.38
CA GLY B 542 -37.22 -20.63 -2.37
C GLY B 542 -37.15 -19.15 -2.73
N CYS B 543 -35.95 -18.59 -2.70
CA CYS B 543 -35.75 -17.17 -2.99
C CYS B 543 -36.61 -16.29 -2.09
N PRO B 544 -36.44 -16.44 -0.77
CA PRO B 544 -37.25 -15.65 0.16
C PRO B 544 -36.98 -14.16 0.02
N PHE B 545 -37.97 -13.32 0.32
CA PHE B 545 -37.75 -11.89 0.33
C PHE B 545 -36.81 -11.55 1.47
N THR B 546 -35.91 -10.60 1.23
CA THR B 546 -35.04 -10.12 2.29
C THR B 546 -34.69 -8.65 2.11
N SER B 547 -34.14 -8.07 3.17
CA SER B 547 -33.86 -6.65 3.23
C SER B 547 -33.24 -6.35 4.58
N PHE B 548 -32.61 -5.19 4.70
CA PHE B 548 -31.99 -4.78 5.96
C PHE B 548 -32.98 -4.05 6.85
N SER B 549 -34.22 -3.94 6.39
CA SER B 549 -35.30 -3.33 7.17
C SER B 549 -36.48 -4.29 7.30
N VAL B 550 -37.14 -4.28 8.45
CA VAL B 550 -38.28 -5.18 8.66
C VAL B 550 -39.50 -4.71 7.87
N PRO B 551 -40.32 -5.64 7.38
CA PRO B 551 -41.58 -5.27 6.74
C PRO B 551 -42.51 -4.50 7.67
C1 NAG C . 3.16 -15.82 -1.50
C2 NAG C . 2.71 -16.37 -0.14
C3 NAG C . 3.65 -17.49 0.33
C4 NAG C . 3.83 -18.53 -0.76
C5 NAG C . 4.27 -17.87 -2.05
C6 NAG C . 4.43 -18.83 -3.21
C7 NAG C . 1.68 -15.14 1.74
C8 NAG C . 1.83 -13.98 2.68
N2 NAG C . 2.68 -15.30 0.84
O3 NAG C . 3.11 -18.09 1.50
O4 NAG C . 4.83 -19.48 -0.36
O5 NAG C . 3.28 -16.91 -2.44
O6 NAG C . 3.17 -19.24 -3.72
O7 NAG C . 0.72 -15.90 1.78
H1 NAG C . 4.03 -15.39 -1.41
H2 NAG C . 1.82 -16.73 -0.25
H3 NAG C . 4.51 -17.10 0.55
H4 NAG C . 2.99 -19.01 -0.90
H5 NAG C . 5.12 -17.40 -1.90
H61 NAG C . 4.91 -19.62 -2.90
H62 NAG C . 4.94 -18.39 -3.91
H81 NAG C . 1.91 -13.16 2.16
H82 NAG C . 1.05 -13.94 3.25
H83 NAG C . 2.63 -14.10 3.23
HN2 NAG C . 3.37 -14.70 0.86
HO3 NAG C . 3.76 -18.26 2.07
HO4 NAG C . 5.58 -19.04 -0.16
HO6 NAG C . 3.30 -19.76 -4.43
C1 NAG C . 4.39 -20.84 -0.41
C2 NAG C . 5.61 -21.75 -0.53
C3 NAG C . 5.21 -23.22 -0.48
C4 NAG C . 4.33 -23.50 0.73
C5 NAG C . 3.15 -22.53 0.76
C6 NAG C . 2.28 -22.68 1.97
C7 NAG C . 7.40 -20.68 -1.85
C8 NAG C . 8.00 -20.52 -3.22
N2 NAG C . 6.32 -21.47 -1.78
O3 NAG C . 6.38 -24.02 -0.41
O4 NAG C . 3.82 -24.83 0.66
O5 NAG C . 3.66 -21.18 0.77
O6 NAG C . 2.74 -21.87 3.05
O7 NAG C . 7.86 -20.12 -0.86
H1 NAG C . 3.80 -20.96 -1.19
H2 NAG C . 6.21 -21.56 0.21
H3 NAG C . 4.72 -23.45 -1.29
H4 NAG C . 4.86 -23.41 1.55
H5 NAG C . 2.61 -22.66 -0.04
H61 NAG C . 1.36 -22.42 1.74
H62 NAG C . 2.28 -23.61 2.26
H81 NAG C . 7.32 -20.17 -3.83
H82 NAG C . 8.32 -21.38 -3.53
H83 NAG C . 8.75 -19.89 -3.17
HN2 NAG C . 6.02 -21.86 -2.54
HO3 NAG C . 6.31 -24.70 -0.98
HO4 NAG C . 3.17 -24.86 0.06
HO6 NAG C . 2.11 -21.84 3.68
C1 MAN C . 4.52 -25.77 1.50
C2 MAN C . 4.30 -27.17 0.88
C3 MAN C . 3.16 -27.84 1.61
C4 MAN C . 3.57 -28.15 3.04
C5 MAN C . 4.09 -26.87 3.75
C6 MAN C . 5.48 -27.04 4.31
O2 MAN C . 5.45 -28.00 1.04
O3 MAN C . 2.73 -29.03 0.94
O4 MAN C . 2.45 -28.67 3.77
O5 MAN C . 4.08 -25.68 2.86
O6 MAN C . 5.38 -27.82 5.50
H1 MAN C . 5.60 -25.52 1.54
H2 MAN C . 4.05 -27.04 -0.18
H3 MAN C . 2.30 -27.17 1.63
H4 MAN C . 4.39 -28.89 3.02
H5 MAN C . 3.43 -26.67 4.60
H61 MAN C . 5.91 -26.04 4.52
H62 MAN C . 6.11 -27.53 3.55
HO2 MAN C . 5.81 -28.21 0.17
HO3 MAN C . 1.86 -28.82 0.57
HO4 MAN C . 1.74 -28.03 3.63
C1 NAG D . 5.44 -4.56 14.26
C2 NAG D . 6.62 -5.50 14.03
C3 NAG D . 6.56 -6.66 15.02
C4 NAG D . 6.49 -6.13 16.44
C5 NAG D . 5.34 -5.14 16.57
C6 NAG D . 5.28 -4.48 17.93
C7 NAG D . 7.70 -5.98 11.86
C8 NAG D . 7.52 -6.53 10.49
N2 NAG D . 6.63 -6.00 12.66
O3 NAG D . 7.71 -7.49 14.86
O4 NAG D . 6.29 -7.19 17.36
O5 NAG D . 5.47 -4.09 15.62
O6 NAG D . 6.53 -3.87 18.26
O7 NAG D . 8.78 -5.52 12.24
H1 NAG D . 4.61 -5.03 14.10
H2 NAG D . 7.45 -5.01 14.18
H3 NAG D . 5.76 -7.19 14.83
H4 NAG D . 7.32 -5.67 16.66
H5 NAG D . 4.50 -5.62 16.42
H61 NAG D . 4.58 -3.80 17.93
H62 NAG D . 5.06 -5.15 18.62
H81 NAG D . 6.81 -6.06 10.03
H82 NAG D . 7.29 -7.48 10.55
H83 NAG D . 8.35 -6.43 9.98
HN2 NAG D . 5.85 -6.35 12.33
HO3 NAG D . 7.45 -8.34 14.83
HO4 NAG D . 5.49 -7.56 17.21
HO6 NAG D . 6.45 -3.43 19.02
C1 NAG D . 7.39 -7.35 18.25
C2 NAG D . 6.93 -8.07 19.52
C3 NAG D . 8.11 -8.33 20.43
C4 NAG D . 9.18 -9.12 19.70
C5 NAG D . 9.59 -8.36 18.44
C6 NAG D . 10.58 -9.10 17.58
C7 NAG D . 4.60 -7.62 20.15
C8 NAG D . 3.68 -6.74 20.94
N2 NAG D . 5.90 -7.32 20.21
O3 NAG D . 7.65 -9.01 21.59
O4 NAG D . 10.34 -9.32 20.49
O5 NAG D . 8.43 -8.12 17.61
O6 NAG D . 11.45 -8.20 16.90
O7 NAG D . 4.19 -8.56 19.48
H1 NAG D . 7.76 -6.48 18.49
H2 NAG D . 6.57 -8.93 19.26
H3 NAG D . 8.49 -7.46 20.71
H4 NAG D . 8.81 -9.99 19.44
H5 NAG D . 9.97 -7.50 18.70
H61 NAG D . 10.10 -9.64 16.93
H62 NAG D . 11.12 -9.69 18.15
H81 NAG D . 2.75 -7.02 20.79
H82 NAG D . 3.90 -6.81 21.88
H83 NAG D . 3.78 -5.81 20.65
HN2 NAG D . 6.15 -6.61 20.73
HO3 NAG D . 7.96 -8.61 22.32
HO4 NAG D . 10.99 -8.78 20.21
HO6 NAG D . 11.73 -8.58 16.14
C1 MAN D . 10.18 -10.34 21.52
C2 MAN D . 10.64 -9.65 22.83
C3 MAN D . 12.16 -9.47 22.81
C4 MAN D . 12.85 -10.82 22.55
C5 MAN D . 12.37 -11.44 21.23
C6 MAN D . 12.89 -12.84 21.02
O2 MAN D . 10.33 -10.44 23.98
O3 MAN D . 12.63 -8.89 24.01
O4 MAN D . 14.26 -10.62 22.46
O5 MAN D . 10.94 -11.53 21.23
O6 MAN D . 14.29 -12.84 21.27
H1 MAN D . 9.13 -10.67 21.59
H2 MAN D . 10.15 -8.66 22.89
H3 MAN D . 12.42 -8.79 22.00
H4 MAN D . 12.60 -11.52 23.37
H5 MAN D . 12.70 -10.81 20.39
H61 MAN D . 12.67 -13.14 19.98
H62 MAN D . 12.35 -13.51 21.69
HO2 MAN D . 9.57 -10.06 24.43
HO3 MAN D . 12.84 -7.97 23.78
HO4 MAN D . 14.59 -10.73 23.37
C1 RCX E . 16.34 8.51 -15.85
C2 RCX E . 16.80 9.47 -16.84
C3 RCX E . 16.04 10.62 -16.63
C4 RCX E . 15.35 9.20 -15.14
O5 RCX E . 15.21 10.43 -15.62
O6 RCX E . 14.61 8.68 -14.05
C7 RCX E . 16.81 7.05 -15.60
C8 RCX E . 16.95 6.15 -16.66
C9 RCX E . 17.37 4.83 -16.41
C10 RCX E . 17.65 4.42 -15.11
C11 RCX E . 17.52 5.32 -14.06
C12 RCX E . 17.09 6.63 -14.31
C13 RCX E . 17.85 9.32 -17.91
C14 RCX E . 19.07 8.67 -17.68
C15 RCX E . 19.99 8.58 -18.72
C16 RCX E . 19.71 9.13 -19.96
C17 RCX E . 18.49 9.77 -20.18
C18 RCX E . 17.57 9.87 -19.15
S19 RCX E . 20.86 9.04 -21.30
O20 RCX E . 21.83 10.18 -21.23
O21 RCX E . 20.11 9.07 -22.62
C22 RCX E . 21.80 7.52 -21.21
CO COH F . 25.92 -6.89 -8.75
CHA COH F . 23.28 -9.26 -8.50
CHB COH F . 28.26 -9.50 -8.07
CHC COH F . 28.51 -4.53 -8.89
CHD COH F . 23.56 -4.38 -9.70
NA COH F . 25.81 -8.85 -8.61
C1A COH F . 24.63 -9.66 -8.24
C2A COH F . 24.92 -11.04 -7.80
C3A COH F . 26.39 -11.10 -7.69
C4A COH F . 26.87 -9.78 -8.17
CMA COH F . 27.24 -12.26 -7.24
CAA COH F . 23.95 -12.16 -7.49
CBA COH F . 23.96 -13.14 -8.66
CGA COH F . 22.60 -13.63 -9.07
O1A COH F . 21.57 -12.96 -8.77
O2A COH F . 22.53 -14.70 -9.71
NB COH F . 27.89 -7.01 -8.68
C1B COH F . 28.69 -8.12 -8.12
C2B COH F . 30.14 -7.82 -7.92
C3B COH F . 30.24 -6.38 -8.20
C4B COH F . 28.86 -5.89 -8.52
CMB COH F . 31.21 -8.78 -7.49
CAB COH F . 31.51 -5.64 -7.96
CBB COH F . 31.60 -4.34 -7.71
NC COH F . 26.02 -5.00 -9.33
C1C COH F . 27.17 -4.10 -9.13
C2C COH F . 26.93 -2.67 -9.46
C3C COH F . 25.47 -2.60 -9.68
C4C COH F . 24.94 -3.98 -9.48
CMC COH F . 27.96 -1.56 -9.48
CAC COH F . 24.83 -1.30 -10.03
CBC COH F . 23.59 -1.11 -10.44
ND COH F . 23.96 -6.81 -8.89
C1D COH F . 23.14 -5.75 -9.50
C2D COH F . 21.67 -6.05 -9.48
C3D COH F . 21.60 -7.48 -9.13
C4D COH F . 23.00 -7.92 -8.96
CMD COH F . 20.53 -5.13 -9.83
CAD COH F . 20.39 -8.36 -8.99
CBD COH F . 20.24 -8.49 -7.47
CGD COH F . 19.15 -9.45 -7.05
O1D COH F . 18.59 -10.14 -7.92
O2D COH F . 18.87 -9.51 -5.82
HHA COH F . 22.47 -9.95 -8.37
HHB COH F . 28.92 -10.29 -7.74
HHC COH F . 29.30 -3.80 -8.89
HHD COH F . 22.83 -3.64 -9.95
HMA1 COH F . 26.61 -13.06 -6.95
HMA2 COH F . 27.83 -11.96 -6.42
HMA3 COH F . 27.86 -12.57 -8.03
HAA1 COH F . 22.94 -11.74 -7.38
HAA2 COH F . 24.23 -12.65 -6.57
HBA1 COH F . 24.45 -12.67 -9.52
HBA2 COH F . 24.57 -14.00 -8.38
HMB1 COH F . 32.14 -8.26 -7.40
HMB2 COH F . 31.33 -9.55 -8.22
HMB3 COH F . 30.96 -9.20 -6.56
HAB COH F . 32.40 -6.21 -7.76
HBB1 COH F . 30.72 -3.71 -7.83
HBB2 COH F . 32.55 -3.89 -7.50
HMC1 COH F . 27.48 -0.64 -9.69
HMC2 COH F . 28.43 -1.51 -8.53
HMC3 COH F . 28.69 -1.77 -10.21
HAC COH F . 25.46 -0.43 -10.03
HBC1 COH F . 22.90 -1.93 -10.49
HBC2 COH F . 23.25 -0.11 -10.69
HMD1 COH F . 20.16 -4.67 -8.95
HMD2 COH F . 19.76 -5.69 -10.30
HMD3 COH F . 20.87 -4.37 -10.49
HAD1 COH F . 20.56 -9.33 -9.46
HAD2 COH F . 19.51 -7.89 -9.44
HBD1 COH F . 21.19 -8.83 -7.04
HBD2 COH F . 20.03 -7.50 -7.04
C1 NAG G . 43.29 -7.63 1.46
C2 NAG G . 44.14 -8.64 0.71
C3 NAG G . 45.53 -8.71 1.33
C4 NAG G . 46.16 -7.33 1.40
C5 NAG G . 45.22 -6.32 2.06
C6 NAG G . 45.73 -4.89 1.95
C7 NAG G . 43.62 -10.81 -0.30
C8 NAG G . 42.90 -12.12 -0.14
N2 NAG G . 43.51 -9.95 0.71
O3 NAG G . 46.34 -9.57 0.53
O4 NAG G . 47.36 -7.38 2.16
O5 NAG G . 43.93 -6.34 1.42
O6 NAG G . 45.04 -4.00 2.80
O7 NAG G . 44.26 -10.54 -1.32
H1 NAG G . 43.20 -7.91 2.39
H2 NAG G . 44.23 -8.34 -0.20
H3 NAG G . 45.46 -9.09 2.23
H4 NAG G . 46.38 -7.02 0.50
H5 NAG G . 45.11 -6.54 3.01
H61 NAG G . 46.68 -4.88 2.18
H62 NAG G . 45.64 -4.59 1.02
H81 NAG G . 41.95 -11.96 0.02
H82 NAG G . 43.28 -12.60 0.62
H83 NAG G . 43.00 -12.65 -0.95
HN2 NAG G . 43.02 -10.20 1.44
HO3 NAG G . 46.93 -10.00 1.04
HO4 NAG G . 48.07 -7.37 1.61
HO6 NAG G . 44.40 -4.43 3.23
N NH4 H . 29.52 7.25 -29.47
HN1 NH4 H . 29.48 7.68 -30.36
HN2 NH4 H . 29.97 7.84 -28.85
HN3 NH4 H . 28.60 7.08 -29.16
HN4 NH4 H . 29.99 6.40 -29.54
C1 GOL I . 4.58 10.72 -22.80
O1 GOL I . 3.53 10.53 -21.86
C2 GOL I . 5.58 9.55 -22.70
O2 GOL I . 6.03 9.38 -21.37
C3 GOL I . 6.75 9.84 -23.62
O3 GOL I . 7.88 9.10 -23.21
H11 GOL I . 5.09 11.65 -22.59
H12 GOL I . 4.17 10.76 -23.80
HO1 GOL I . 2.94 11.31 -21.89
H2 GOL I . 5.08 8.64 -23.05
HO2 GOL I . 6.66 8.64 -21.34
H31 GOL I . 6.99 10.91 -23.59
H32 GOL I . 6.49 9.58 -24.64
HO3 GOL I . 8.56 9.13 -23.92
P PO4 J . -2.54 -4.28 -18.59
O1 PO4 J . -3.73 -3.93 -17.73
O2 PO4 J . -2.46 -3.35 -19.77
O3 PO4 J . -2.65 -5.71 -19.08
O4 PO4 J . -1.29 -4.14 -17.76
P PO4 K . 19.07 -11.37 11.87
O1 PO4 K . 18.27 -10.63 12.92
O2 PO4 K . 19.10 -10.54 10.60
O3 PO4 K . 18.43 -12.69 11.55
O4 PO4 K . 20.47 -11.59 12.36
P PO4 L . 27.64 15.50 -13.78
O1 PO4 L . 26.15 15.61 -13.58
O2 PO4 L . 28.25 16.88 -13.76
O3 PO4 L . 27.91 14.84 -15.10
O4 PO4 L . 28.25 14.69 -12.66
C1 RCX M . -22.55 6.21 6.42
C2 RCX M . -23.75 7.00 6.24
C3 RCX M . -23.71 7.43 4.90
C4 RCX M . -21.90 6.25 5.18
O5 RCX M . -22.61 6.97 4.33
O6 RCX M . -20.68 5.61 4.89
C7 RCX M . -22.04 5.46 7.69
C8 RCX M . -21.78 6.15 8.87
C9 RCX M . -21.33 5.45 10.00
C10 RCX M . -21.12 4.07 9.94
C11 RCX M . -21.38 3.39 8.75
C12 RCX M . -21.83 4.08 7.63
C13 RCX M . -24.84 7.33 7.22
C14 RCX M . -25.48 6.34 7.96
C15 RCX M . -26.50 6.68 8.85
C16 RCX M . -26.88 8.01 8.98
C17 RCX M . -26.24 9.00 8.24
C18 RCX M . -25.23 8.65 7.36
S19 RCX M . -28.18 8.46 10.10
O20 RCX M . -29.51 8.15 9.47
O21 RCX M . -28.09 9.96 10.41
C22 RCX M . -28.05 7.53 11.62
CO COH N . -19.08 -8.45 18.76
CHA COH N . -15.66 -7.81 19.46
CHB COH N . -19.12 -10.80 21.46
CHC COH N . -22.47 -9.18 18.06
CHD COH N . -19.06 -5.91 16.28
NA COH N . -17.82 -8.94 20.21
C1A COH N . -16.35 -8.81 20.20
C2A COH N . -15.61 -9.62 21.21
C3A COH N . -16.66 -10.50 21.79
C4A COH N . -17.93 -10.05 21.17
CMA COH N . -16.58 -11.60 22.83
CAA COH N . -14.12 -9.54 21.47
CBA COH N . -13.69 -10.03 22.86
CGA COH N . -12.70 -9.13 23.57
O1A COH N . -12.16 -8.18 22.97
O2A COH N . -12.48 -9.39 24.78
NB COH N . -20.48 -9.55 19.64
C1B COH N . -20.26 -10.67 20.59
C2B COH N . -21.44 -11.52 20.88
C3B COH N . -22.45 -11.03 19.91
C4B COH N . -21.80 -9.95 19.10
CMB COH N . -21.55 -12.62 21.89
CAB COH N . -23.76 -11.74 19.78
CBB COH N . -24.52 -11.71 18.69
NC COH N . -20.44 -7.62 17.60
C1C COH N . -21.77 -8.18 17.28
C2C COH N . -22.51 -7.49 16.20
C3C COH N . -21.53 -6.53 15.64
C4C COH N . -20.26 -6.71 16.44
CMC COH N . -23.92 -7.77 15.74
CAC COH N . -21.90 -5.63 14.52
CBC COH N . -21.23 -4.58 14.07
ND COH N . -17.70 -7.30 17.97
C1D COH N . -17.89 -6.15 17.10
C2D COH N . -16.61 -5.46 16.75
C3D COH N . -15.61 -6.02 17.70
C4D COH N . -16.36 -6.99 18.51
CMD COH N . -16.41 -4.36 15.72
CAD COH N . -14.15 -5.71 17.86
CBD COH N . -13.42 -6.94 17.27
CGD COH N . -11.92 -6.89 17.11
O1D COH N . -11.21 -6.02 17.68
O2D COH N . -11.44 -7.78 16.37
HHA COH N . -14.60 -7.65 19.62
HHB COH N . -19.07 -11.57 22.21
HHC COH N . -23.48 -9.42 17.80
HHD COH N . -19.01 -5.16 15.52
HMA1 COH N . -15.57 -11.74 23.13
HMA2 COH N . -16.95 -12.50 22.42
HMA3 COH N . -17.16 -11.33 23.68
HAA1 COH N . -13.80 -8.51 21.35
HAA2 COH N . -13.60 -10.13 20.72
HBA1 COH N . -14.59 -10.14 23.48
HBA2 COH N . -13.24 -11.03 22.75
HMB1 COH N . -22.51 -13.06 21.84
HMB2 COH N . -20.81 -13.36 21.69
HMB3 COH N . -21.40 -12.22 22.86
HAB COH N . -24.01 -12.49 20.51
HBB1 COH N . -24.29 -11.04 17.89
HBB2 COH N . -25.42 -12.30 18.67
HMC1 COH N . -24.16 -7.14 14.91
HMC2 COH N . -24.01 -8.78 15.45
HMC3 COH N . -24.60 -7.57 16.54
HAC COH N . -22.88 -5.76 14.09
HBC1 COH N . -20.26 -4.36 14.49
HBC2 COH N . -21.62 -3.99 13.27
HMD1 COH N . -16.10 -4.79 14.80
HMD2 COH N . -15.67 -3.69 16.07
HMD3 COH N . -17.32 -3.84 15.59
HAD1 COH N . -13.88 -4.80 17.32
HAD2 COH N . -13.89 -5.58 18.92
HBD1 COH N . -13.66 -7.81 17.90
HBD2 COH N . -13.86 -7.14 16.28
C1 NAG O . -28.85 -26.20 20.48
C2 NAG O . -29.20 -26.33 21.97
C3 NAG O . -30.01 -27.59 22.21
C4 NAG O . -31.24 -27.60 21.31
C5 NAG O . -30.83 -27.42 19.86
C6 NAG O . -32.00 -27.31 18.92
C7 NAG O . -27.91 -25.68 23.96
C8 NAG O . -26.60 -25.77 24.67
N2 NAG O . -27.99 -26.32 22.79
O3 NAG O . -30.39 -27.67 23.58
O4 NAG O . -31.96 -28.82 21.46
O5 NAG O . -30.06 -26.22 19.70
O6 NAG O . -31.60 -26.83 17.64
O7 NAG O . -28.86 -25.06 24.43
H1 NAG O . -28.29 -26.95 20.22
H2 NAG O . -29.75 -25.57 22.21
H3 NAG O . -29.45 -28.37 21.99
H4 NAG O . -31.82 -26.86 21.58
H5 NAG O . -30.28 -28.18 19.59
H61 NAG O . -32.66 -26.69 19.30
H62 NAG O . -32.42 -28.19 18.81
H81 NAG O . -25.89 -25.43 24.09
H82 NAG O . -26.63 -25.24 25.49
H83 NAG O . -26.41 -26.70 24.89
HN2 NAG O . -27.26 -26.76 22.48
HO3 NAG O . -30.37 -28.52 23.84
HO4 NAG O . -32.70 -28.67 21.92
HO6 NAG O . -31.65 -27.50 17.05
N NH4 P . -36.85 9.43 17.82
HN1 NH4 P . -36.07 9.74 17.32
HN2 NH4 P . -37.63 10.00 17.60
HN3 NH4 P . -37.05 8.50 17.57
HN4 NH4 P . -36.67 9.49 18.77
P PO4 Q . -1.88 15.38 11.38
O1 PO4 Q . -3.00 16.39 11.31
O2 PO4 Q . -2.45 14.00 11.13
O3 PO4 Q . -0.84 15.70 10.34
O4 PO4 Q . -1.26 15.41 12.75
P PO4 R . -4.81 -22.92 9.85
O1 PO4 R . -5.59 -21.63 9.76
O2 PO4 R . -5.76 -24.09 9.99
O3 PO4 R . -3.97 -23.10 8.60
O4 PO4 R . -3.93 -22.88 11.07
P PO4 S . -34.36 0.32 3.38
O1 PO4 S . -34.80 1.04 4.63
O2 PO4 S . -33.43 1.22 2.61
O3 PO4 S . -35.56 0.00 2.53
O4 PO4 S . -33.64 -0.95 3.75
#